data_1S57
#
_entry.id   1S57
#
_cell.length_a   69.394
_cell.length_b   108.855
_cell.length_c   119.324
_cell.angle_alpha   90.00
_cell.angle_beta   90.00
_cell.angle_gamma   90.00
#
_symmetry.space_group_name_H-M   'P 21 21 21'
#
loop_
_entity.id
_entity.type
_entity.pdbx_description
1 polymer 'Nucleoside diphosphate kinase II'
2 non-polymer 'SULFATE ION'
3 non-polymer '4-(2-HYDROXYETHYL)-1-PIPERAZINE ETHANESULFONIC ACID'
4 water water
#
_entity_poly.entity_id   1
_entity_poly.type   'polypeptide(L)'
_entity_poly.pdbx_seq_one_letter_code
;SMEDVEETYIMVKPDGIQRGLVGEIISRFEKKGFKLIGLKMFQCPKELAEEHYKDLSAKSFFPNLIEYITSGPVVCMAWE
GVGVVASARKLIGKTDPLQAEPGTIRGDLAVQTGRNIVHGSDSPENGKREIGLWFKEGELCKWDSALATWLRE
;
_entity_poly.pdbx_strand_id   A,B,C,D,E,F
#
# COMPACT_ATOMS: atom_id res chain seq x y z
N SER A 1 -3.97 25.59 -21.25
CA SER A 1 -3.45 26.59 -20.26
C SER A 1 -2.02 27.02 -20.59
N MET A 2 -1.69 28.28 -20.31
CA MET A 2 -0.36 28.79 -20.58
C MET A 2 0.54 28.80 -19.34
N GLU A 3 0.38 27.83 -18.46
CA GLU A 3 1.19 27.76 -17.26
C GLU A 3 2.60 27.33 -17.67
N ASP A 4 3.62 27.87 -17.01
CA ASP A 4 4.98 27.51 -17.40
C ASP A 4 5.44 26.22 -16.74
N VAL A 5 5.82 25.26 -17.58
CA VAL A 5 6.28 23.97 -17.12
C VAL A 5 7.76 24.06 -16.79
N GLU A 6 8.14 23.56 -15.63
CA GLU A 6 9.54 23.59 -15.22
C GLU A 6 10.03 22.17 -14.94
N GLU A 7 11.31 22.06 -14.61
CA GLU A 7 11.90 20.77 -14.30
C GLU A 7 12.67 20.89 -13.01
N THR A 8 12.71 19.79 -12.25
CA THR A 8 13.44 19.79 -11.00
C THR A 8 14.27 18.53 -10.89
N TYR A 9 15.40 18.63 -10.19
CA TYR A 9 16.27 17.47 -9.99
C TYR A 9 15.92 16.87 -8.64
N ILE A 10 15.67 15.56 -8.63
CA ILE A 10 15.36 14.86 -7.40
C ILE A 10 16.32 13.68 -7.34
N MET A 11 16.94 13.49 -6.19
CA MET A 11 17.91 12.41 -6.04
C MET A 11 17.70 11.59 -4.78
N VAL A 12 17.74 10.26 -4.94
CA VAL A 12 17.62 9.37 -3.81
C VAL A 12 19.06 9.20 -3.32
N LYS A 13 19.33 9.59 -2.09
CA LYS A 13 20.67 9.49 -1.54
C LYS A 13 21.05 8.05 -1.23
N PRO A 14 22.35 7.77 -1.01
CA PRO A 14 22.82 6.41 -0.72
C PRO A 14 22.01 5.62 0.31
N ASP A 15 21.53 6.31 1.34
CA ASP A 15 20.76 5.64 2.37
C ASP A 15 19.41 5.17 1.82
N GLY A 16 18.88 5.90 0.84
CA GLY A 16 17.62 5.50 0.24
C GLY A 16 17.77 4.18 -0.50
N ILE A 17 18.91 4.00 -1.17
CA ILE A 17 19.17 2.77 -1.90
C ILE A 17 19.38 1.61 -0.94
N GLN A 18 20.19 1.84 0.10
CA GLN A 18 20.47 0.80 1.09
C GLN A 18 19.20 0.32 1.79
N ARG A 19 18.26 1.24 2.02
CA ARG A 19 17.02 0.88 2.69
C ARG A 19 15.89 0.43 1.78
N GLY A 20 16.17 0.31 0.49
CA GLY A 20 15.18 -0.13 -0.48
C GLY A 20 13.98 0.78 -0.65
N LEU A 21 14.23 2.09 -0.72
CA LEU A 21 13.16 3.07 -0.86
C LEU A 21 13.08 3.72 -2.24
N VAL A 22 13.85 3.20 -3.19
CA VAL A 22 13.85 3.78 -4.53
C VAL A 22 12.47 3.76 -5.16
N GLY A 23 11.86 2.58 -5.22
CA GLY A 23 10.54 2.47 -5.83
C GLY A 23 9.48 3.29 -5.12
N GLU A 24 9.50 3.26 -3.80
CA GLU A 24 8.53 3.99 -2.99
C GLU A 24 8.63 5.50 -3.22
N ILE A 25 9.85 6.01 -3.32
CA ILE A 25 10.05 7.43 -3.56
C ILE A 25 9.61 7.81 -4.97
N ILE A 26 9.94 6.98 -5.95
CA ILE A 26 9.54 7.23 -7.33
C ILE A 26 8.01 7.27 -7.40
N SER A 27 7.36 6.30 -6.76
CA SER A 27 5.89 6.22 -6.76
C SER A 27 5.21 7.46 -6.22
N ARG A 28 5.79 8.08 -5.19
CA ARG A 28 5.20 9.28 -4.61
C ARG A 28 5.04 10.37 -5.67
N PHE A 29 6.06 10.53 -6.52
CA PHE A 29 5.99 11.53 -7.56
C PHE A 29 5.15 11.06 -8.74
N GLU A 30 5.20 9.77 -9.06
CA GLU A 30 4.41 9.25 -10.16
C GLU A 30 2.93 9.41 -9.82
N LYS A 31 2.56 9.01 -8.61
CA LYS A 31 1.16 9.09 -8.19
C LYS A 31 0.68 10.52 -8.06
N LYS A 32 1.60 11.43 -7.73
CA LYS A 32 1.28 12.85 -7.58
C LYS A 32 0.77 13.39 -8.91
N GLY A 33 1.39 12.99 -10.02
CA GLY A 33 0.95 13.44 -11.32
C GLY A 33 2.02 14.08 -12.18
N PHE A 34 3.24 14.20 -11.67
CA PHE A 34 4.33 14.80 -12.42
C PHE A 34 4.92 13.81 -13.43
N LYS A 35 5.66 14.35 -14.42
CA LYS A 35 6.25 13.51 -15.47
C LYS A 35 7.72 13.20 -15.25
N LEU A 36 8.05 11.91 -15.25
CA LEU A 36 9.44 11.48 -15.08
C LEU A 36 10.13 11.60 -16.45
N ILE A 37 11.19 12.39 -16.52
CA ILE A 37 11.91 12.55 -17.79
C ILE A 37 13.39 12.21 -17.70
N GLY A 38 13.85 11.87 -16.50
CA GLY A 38 15.24 11.50 -16.31
C GLY A 38 15.37 10.55 -15.15
N LEU A 39 16.09 9.45 -15.35
CA LEU A 39 16.24 8.46 -14.30
C LEU A 39 17.47 7.58 -14.51
N LYS A 40 18.24 7.40 -13.44
CA LYS A 40 19.42 6.55 -13.54
C LYS A 40 20.06 6.25 -12.18
N MET A 41 20.50 5.02 -11.99
CA MET A 41 21.22 4.70 -10.76
C MET A 41 22.60 5.20 -11.16
N PHE A 42 23.32 5.82 -10.23
CA PHE A 42 24.60 6.43 -10.57
C PHE A 42 25.57 6.45 -9.40
N GLN A 43 26.87 6.28 -9.70
CA GLN A 43 27.89 6.34 -8.67
C GLN A 43 28.54 7.72 -8.86
N CYS A 44 28.31 8.61 -7.92
CA CYS A 44 28.82 9.97 -8.00
C CYS A 44 30.30 10.12 -7.67
N PRO A 45 31.08 10.67 -8.62
CA PRO A 45 32.52 10.88 -8.41
C PRO A 45 32.71 12.03 -7.43
N LYS A 46 33.77 11.97 -6.63
CA LYS A 46 34.05 13.01 -5.65
C LYS A 46 33.95 14.41 -6.26
N GLU A 47 34.46 14.56 -7.47
CA GLU A 47 34.43 15.83 -8.18
C GLU A 47 33.02 16.39 -8.36
N LEU A 48 32.12 15.54 -8.85
CA LEU A 48 30.74 15.96 -9.08
C LEU A 48 30.07 16.30 -7.76
N ALA A 49 30.34 15.51 -6.72
CA ALA A 49 29.76 15.74 -5.41
C ALA A 49 30.12 17.12 -4.86
N GLU A 50 31.39 17.49 -5.00
CA GLU A 50 31.85 18.79 -4.51
C GLU A 50 31.30 19.94 -5.34
N GLU A 51 31.20 19.73 -6.64
CA GLU A 51 30.67 20.76 -7.54
C GLU A 51 29.20 20.98 -7.19
N HIS A 52 28.53 19.91 -6.76
CA HIS A 52 27.12 19.96 -6.40
C HIS A 52 26.94 20.63 -5.04
N TYR A 53 27.84 20.33 -4.11
CA TYR A 53 27.78 20.91 -2.77
C TYR A 53 28.79 22.03 -2.60
N LYS A 54 29.05 22.75 -3.68
CA LYS A 54 30.01 23.85 -3.65
C LYS A 54 29.73 24.89 -2.57
N ASP A 55 28.48 25.31 -2.47
CA ASP A 55 28.10 26.31 -1.48
C ASP A 55 28.22 25.84 -0.04
N LEU A 56 28.84 24.67 0.15
CA LEU A 56 29.03 24.12 1.50
C LEU A 56 30.45 23.63 1.73
N SER A 57 31.32 23.83 0.75
CA SER A 57 32.72 23.39 0.85
C SER A 57 33.44 23.94 2.07
N ALA A 58 32.98 25.09 2.57
CA ALA A 58 33.60 25.70 3.74
C ALA A 58 33.08 25.12 5.06
N LYS A 59 31.95 24.41 5.00
CA LYS A 59 31.36 23.81 6.17
C LYS A 59 32.24 22.71 6.77
N SER A 60 31.98 22.38 8.03
CA SER A 60 32.74 21.35 8.74
C SER A 60 32.19 19.96 8.44
N PHE A 61 30.91 19.91 8.08
CA PHE A 61 30.26 18.63 7.77
C PHE A 61 30.44 18.29 6.29
N PHE A 62 31.06 19.20 5.54
CA PHE A 62 31.29 19.01 4.11
C PHE A 62 32.08 17.72 3.83
N PRO A 63 33.21 17.52 4.52
CA PRO A 63 34.01 16.32 4.30
C PRO A 63 33.20 15.03 4.39
N ASN A 64 32.39 14.90 5.44
CA ASN A 64 31.57 13.72 5.62
C ASN A 64 30.43 13.73 4.62
N LEU A 65 29.94 14.93 4.29
CA LEU A 65 28.85 15.10 3.35
C LEU A 65 29.24 14.52 2.00
N ILE A 66 30.46 14.81 1.56
CA ILE A 66 30.96 14.31 0.28
C ILE A 66 31.17 12.80 0.34
N GLU A 67 31.75 12.32 1.42
CA GLU A 67 31.98 10.89 1.57
C GLU A 67 30.65 10.16 1.64
N TYR A 68 29.66 10.81 2.24
CA TYR A 68 28.32 10.24 2.38
C TYR A 68 27.64 10.05 1.04
N ILE A 69 27.60 11.10 0.23
CA ILE A 69 26.94 11.02 -1.08
C ILE A 69 27.70 10.16 -2.09
N THR A 70 28.98 9.86 -1.80
CA THR A 70 29.77 9.03 -2.71
C THR A 70 30.05 7.67 -2.08
N SER A 71 29.44 7.40 -0.93
CA SER A 71 29.62 6.15 -0.20
C SER A 71 28.82 5.00 -0.80
N GLY A 72 28.12 5.28 -1.89
CA GLY A 72 27.32 4.26 -2.53
C GLY A 72 26.56 4.87 -3.68
N PRO A 73 25.86 4.04 -4.48
CA PRO A 73 25.13 4.63 -5.59
C PRO A 73 23.91 5.43 -5.16
N VAL A 74 23.53 6.38 -6.00
CA VAL A 74 22.36 7.19 -5.76
C VAL A 74 21.48 6.99 -6.97
N VAL A 75 20.26 7.51 -6.92
CA VAL A 75 19.36 7.41 -8.08
C VAL A 75 19.04 8.85 -8.47
N CYS A 76 19.48 9.24 -9.66
CA CYS A 76 19.25 10.58 -10.18
C CYS A 76 17.91 10.62 -10.90
N MET A 77 17.16 11.69 -10.72
CA MET A 77 15.88 11.83 -11.38
C MET A 77 15.62 13.25 -11.85
N ALA A 78 14.87 13.38 -12.93
CA ALA A 78 14.48 14.68 -13.45
C ALA A 78 12.98 14.59 -13.63
N TRP A 79 12.25 15.51 -12.99
CA TRP A 79 10.80 15.51 -13.09
C TRP A 79 10.30 16.82 -13.70
N GLU A 80 9.27 16.71 -14.52
CA GLU A 80 8.70 17.86 -15.22
C GLU A 80 7.27 18.15 -14.80
N GLY A 81 6.92 19.43 -14.78
CA GLY A 81 5.56 19.81 -14.42
C GLY A 81 5.48 21.26 -14.00
N VAL A 82 4.26 21.78 -13.90
CA VAL A 82 4.08 23.16 -13.48
C VAL A 82 4.17 23.21 -11.96
N GLY A 83 5.11 24.01 -11.46
CA GLY A 83 5.30 24.13 -10.02
C GLY A 83 5.92 22.88 -9.40
N VAL A 84 6.56 22.06 -10.22
CA VAL A 84 7.16 20.83 -9.73
C VAL A 84 8.31 21.07 -8.74
N VAL A 85 9.03 22.18 -8.89
CA VAL A 85 10.14 22.44 -7.98
C VAL A 85 9.63 22.62 -6.55
N ALA A 86 8.71 23.57 -6.36
CA ALA A 86 8.17 23.83 -5.04
C ALA A 86 7.35 22.65 -4.51
N SER A 87 6.62 21.98 -5.39
CA SER A 87 5.81 20.84 -4.98
C SER A 87 6.70 19.71 -4.47
N ALA A 88 7.76 19.42 -5.21
CA ALA A 88 8.67 18.35 -4.80
C ALA A 88 9.25 18.66 -3.43
N ARG A 89 9.65 19.90 -3.21
CA ARG A 89 10.21 20.27 -1.91
C ARG A 89 9.18 20.06 -0.81
N LYS A 90 7.91 20.32 -1.11
CA LYS A 90 6.86 20.13 -0.12
C LYS A 90 6.65 18.64 0.15
N LEU A 91 6.64 17.84 -0.90
CA LEU A 91 6.45 16.40 -0.76
C LEU A 91 7.60 15.73 0.01
N ILE A 92 8.80 16.30 -0.11
CA ILE A 92 9.98 15.76 0.56
C ILE A 92 10.01 16.08 2.06
N GLY A 93 9.67 17.32 2.41
CA GLY A 93 9.64 17.69 3.81
C GLY A 93 10.87 18.43 4.31
N LYS A 94 10.81 18.89 5.55
CA LYS A 94 11.91 19.64 6.16
C LYS A 94 13.23 18.85 6.15
N THR A 95 14.33 19.58 6.08
CA THR A 95 15.67 19.00 6.06
C THR A 95 15.87 17.96 7.16
N ASP A 96 15.40 18.27 8.36
CA ASP A 96 15.51 17.36 9.50
C ASP A 96 14.26 16.47 9.50
N PRO A 97 14.43 15.17 9.23
CA PRO A 97 13.29 14.23 9.21
C PRO A 97 12.45 14.20 10.48
N LEU A 98 13.07 14.51 11.62
CA LEU A 98 12.33 14.51 12.87
C LEU A 98 11.28 15.63 12.87
N GLN A 99 11.59 16.72 12.17
CA GLN A 99 10.69 17.87 12.11
C GLN A 99 9.76 17.83 10.90
N ALA A 100 10.17 17.12 9.85
CA ALA A 100 9.34 16.99 8.65
C ALA A 100 8.00 16.43 9.08
N GLU A 101 6.93 16.90 8.45
CA GLU A 101 5.59 16.46 8.82
C GLU A 101 5.20 15.09 8.29
N PRO A 102 4.38 14.35 9.06
CA PRO A 102 3.94 13.04 8.60
C PRO A 102 3.24 13.29 7.26
N GLY A 103 3.44 12.41 6.30
CA GLY A 103 2.84 12.60 4.99
C GLY A 103 3.93 12.92 3.98
N THR A 104 5.00 13.57 4.43
CA THR A 104 6.11 13.89 3.54
C THR A 104 7.06 12.70 3.52
N ILE A 105 7.96 12.68 2.55
CA ILE A 105 8.90 11.57 2.43
C ILE A 105 9.79 11.46 3.66
N ARG A 106 10.46 12.55 4.03
CA ARG A 106 11.33 12.48 5.19
C ARG A 106 10.53 12.37 6.48
N GLY A 107 9.34 12.97 6.53
CA GLY A 107 8.51 12.88 7.71
C GLY A 107 8.03 11.46 7.99
N ASP A 108 7.80 10.69 6.92
CA ASP A 108 7.33 9.31 7.05
C ASP A 108 8.44 8.26 7.07
N LEU A 109 9.55 8.57 6.42
CA LEU A 109 10.60 7.56 6.26
C LEU A 109 12.03 7.79 6.74
N ALA A 110 12.32 8.90 7.42
CA ALA A 110 13.68 9.12 7.90
C ALA A 110 13.71 9.64 9.33
N VAL A 111 14.88 9.57 9.97
CA VAL A 111 15.00 10.01 11.36
C VAL A 111 16.14 10.98 11.66
N GLN A 112 17.01 11.23 10.69
CA GLN A 112 18.12 12.14 10.93
C GLN A 112 18.52 12.98 9.72
N THR A 113 18.93 14.21 9.98
CA THR A 113 19.34 15.13 8.94
C THR A 113 20.44 14.58 8.03
N GLY A 114 21.46 13.99 8.62
CA GLY A 114 22.56 13.44 7.85
C GLY A 114 22.22 12.24 7.00
N ARG A 115 21.05 11.66 7.25
CA ARG A 115 20.57 10.50 6.50
C ARG A 115 19.10 10.75 6.18
N ASN A 116 18.85 11.81 5.42
CA ASN A 116 17.49 12.19 5.08
C ASN A 116 17.01 11.75 3.69
N ILE A 117 17.51 10.58 3.28
CA ILE A 117 17.17 9.87 2.05
C ILE A 117 16.94 10.51 0.68
N VAL A 118 16.53 11.76 0.61
CA VAL A 118 16.26 12.35 -0.70
C VAL A 118 16.56 13.85 -0.75
N HIS A 119 16.75 14.35 -1.97
CA HIS A 119 17.04 15.77 -2.22
C HIS A 119 16.22 16.26 -3.41
N GLY A 120 15.78 17.50 -3.34
CA GLY A 120 15.03 18.10 -4.43
C GLY A 120 15.57 19.50 -4.61
N SER A 121 15.70 19.98 -5.84
CA SER A 121 16.20 21.33 -6.10
C SER A 121 15.38 22.34 -5.30
N ASP A 122 16.04 23.37 -4.76
CA ASP A 122 15.34 24.36 -3.97
C ASP A 122 14.76 25.52 -4.78
N SER A 123 15.11 25.59 -6.06
CA SER A 123 14.61 26.66 -6.90
C SER A 123 14.62 26.26 -8.37
N PRO A 124 13.80 26.92 -9.20
CA PRO A 124 13.76 26.58 -10.62
C PRO A 124 15.16 26.72 -11.25
N GLU A 125 15.92 27.71 -10.79
CA GLU A 125 17.26 27.94 -11.31
C GLU A 125 18.19 26.78 -10.93
N ASN A 126 18.15 26.35 -9.67
CA ASN A 126 18.98 25.24 -9.26
C ASN A 126 18.46 23.96 -9.86
N GLY A 127 17.20 23.97 -10.28
CA GLY A 127 16.63 22.81 -10.92
C GLY A 127 17.37 22.59 -12.22
N LYS A 128 17.43 23.65 -13.04
CA LYS A 128 18.13 23.58 -14.32
C LYS A 128 19.61 23.28 -14.12
N ARG A 129 20.20 23.92 -13.12
CA ARG A 129 21.62 23.73 -12.81
C ARG A 129 21.93 22.28 -12.44
N GLU A 130 21.20 21.75 -11.47
CA GLU A 130 21.44 20.38 -11.02
C GLU A 130 21.17 19.33 -12.09
N ILE A 131 20.10 19.49 -12.86
CA ILE A 131 19.80 18.53 -13.91
C ILE A 131 20.96 18.54 -14.94
N GLY A 132 21.46 19.74 -15.23
CA GLY A 132 22.55 19.86 -16.18
C GLY A 132 23.86 19.29 -15.66
N LEU A 133 24.01 19.28 -14.34
CA LEU A 133 25.22 18.76 -13.71
C LEU A 133 25.22 17.25 -13.57
N TRP A 134 24.07 16.68 -13.20
CA TRP A 134 23.99 15.23 -13.02
C TRP A 134 23.65 14.43 -14.28
N PHE A 135 22.83 15.00 -15.16
CA PHE A 135 22.46 14.30 -16.38
C PHE A 135 23.26 14.77 -17.59
N LYS A 136 23.74 13.80 -18.37
CA LYS A 136 24.53 14.09 -19.57
C LYS A 136 23.62 14.43 -20.73
N GLU A 137 24.24 14.85 -21.84
CA GLU A 137 23.50 15.19 -23.04
C GLU A 137 22.80 13.97 -23.61
N GLY A 138 21.48 14.07 -23.76
CA GLY A 138 20.73 12.96 -24.32
C GLY A 138 20.18 11.95 -23.32
N GLU A 139 20.45 12.15 -22.03
CA GLU A 139 19.94 11.21 -21.04
C GLU A 139 18.49 11.48 -20.70
N LEU A 140 18.06 12.73 -20.89
CA LEU A 140 16.68 13.07 -20.60
C LEU A 140 15.78 12.56 -21.72
N CYS A 141 14.59 12.09 -21.35
CA CYS A 141 13.64 11.57 -22.31
C CYS A 141 12.34 12.37 -22.31
N LYS A 142 12.05 12.99 -23.45
CA LYS A 142 10.83 13.77 -23.57
C LYS A 142 9.75 12.85 -24.13
N TRP A 143 8.53 12.98 -23.61
CA TRP A 143 7.44 12.14 -24.09
C TRP A 143 6.09 12.77 -23.78
N ASP A 144 5.06 12.34 -24.51
CA ASP A 144 3.72 12.85 -24.31
C ASP A 144 2.90 11.87 -23.49
N SER A 145 2.48 12.32 -22.31
CA SER A 145 1.70 11.50 -21.38
C SER A 145 0.26 11.34 -21.84
N ALA A 146 -0.21 10.10 -21.88
CA ALA A 146 -1.57 9.79 -22.28
C ALA A 146 -2.61 10.50 -21.39
N LEU A 147 -2.27 10.68 -20.12
CA LEU A 147 -3.19 11.32 -19.17
C LEU A 147 -2.96 12.82 -19.03
N ALA A 148 -2.13 13.40 -19.89
CA ALA A 148 -1.86 14.82 -19.82
C ALA A 148 -3.12 15.68 -19.68
N THR A 149 -4.12 15.42 -20.52
CA THR A 149 -5.35 16.20 -20.47
C THR A 149 -6.16 15.98 -19.19
N TRP A 150 -5.80 14.97 -18.40
CA TRP A 150 -6.50 14.71 -17.15
C TRP A 150 -5.73 15.17 -15.91
N LEU A 151 -4.49 15.62 -16.10
CA LEU A 151 -3.66 16.14 -15.01
C LEU A 151 -3.65 17.67 -15.05
N ARG A 152 -3.80 18.23 -16.25
CA ARG A 152 -3.82 19.69 -16.42
C ARG A 152 -4.82 20.12 -17.50
N GLU A 153 -5.49 21.25 -17.26
CA GLU A 153 -6.45 21.77 -18.23
C GLU A 153 -5.78 21.84 -19.60
N VAL B 5 -27.45 12.45 12.42
CA VAL B 5 -26.00 12.51 12.33
C VAL B 5 -25.58 13.25 11.06
N GLU B 6 -24.60 14.13 11.19
CA GLU B 6 -24.08 14.93 10.10
C GLU B 6 -23.65 14.10 8.88
N GLU B 7 -23.96 14.60 7.69
CA GLU B 7 -23.59 13.92 6.44
C GLU B 7 -22.89 14.93 5.53
N THR B 8 -22.09 14.43 4.60
CA THR B 8 -21.41 15.31 3.66
C THR B 8 -21.39 14.67 2.28
N TYR B 9 -21.29 15.51 1.25
CA TYR B 9 -21.24 15.03 -0.12
C TYR B 9 -19.79 15.03 -0.61
N ILE B 10 -19.32 13.89 -1.09
CA ILE B 10 -17.97 13.77 -1.62
C ILE B 10 -18.09 13.21 -3.03
N MET B 11 -17.41 13.85 -3.97
CA MET B 11 -17.48 13.43 -5.35
C MET B 11 -16.13 13.30 -6.03
N VAL B 12 -15.89 12.17 -6.67
CA VAL B 12 -14.66 11.96 -7.40
C VAL B 12 -14.98 12.56 -8.77
N LYS B 13 -14.20 13.56 -9.18
CA LYS B 13 -14.39 14.24 -10.46
C LYS B 13 -13.94 13.36 -11.62
N PRO B 14 -14.31 13.70 -12.87
CA PRO B 14 -13.94 12.91 -14.04
C PRO B 14 -12.49 12.47 -14.14
N ASP B 15 -11.56 13.34 -13.75
CA ASP B 15 -10.14 13.00 -13.83
C ASP B 15 -9.80 11.88 -12.84
N GLY B 16 -10.53 11.81 -11.74
CA GLY B 16 -10.28 10.75 -10.76
C GLY B 16 -10.62 9.40 -11.34
N ILE B 17 -11.70 9.34 -12.12
CA ILE B 17 -12.12 8.09 -12.75
C ILE B 17 -11.12 7.70 -13.83
N GLN B 18 -10.77 8.65 -14.68
CA GLN B 18 -9.82 8.41 -15.76
C GLN B 18 -8.47 7.94 -15.26
N ARG B 19 -8.10 8.38 -14.06
CA ARG B 19 -6.81 8.01 -13.47
C ARG B 19 -6.88 6.78 -12.56
N GLY B 20 -8.06 6.18 -12.46
CA GLY B 20 -8.25 4.98 -11.65
C GLY B 20 -8.04 5.19 -10.16
N LEU B 21 -8.55 6.31 -9.64
CA LEU B 21 -8.39 6.64 -8.22
C LEU B 21 -9.64 6.45 -7.38
N VAL B 22 -10.71 5.91 -7.98
CA VAL B 22 -11.95 5.72 -7.26
C VAL B 22 -11.82 4.88 -5.98
N GLY B 23 -11.28 3.67 -6.10
CA GLY B 23 -11.14 2.83 -4.93
C GLY B 23 -10.24 3.42 -3.86
N GLU B 24 -9.13 4.01 -4.29
CA GLU B 24 -8.17 4.63 -3.39
C GLU B 24 -8.78 5.76 -2.58
N ILE B 25 -9.60 6.59 -3.23
CA ILE B 25 -10.24 7.69 -2.53
C ILE B 25 -11.29 7.17 -1.55
N ILE B 26 -12.06 6.17 -1.98
CA ILE B 26 -13.07 5.59 -1.09
C ILE B 26 -12.39 4.98 0.14
N SER B 27 -11.28 4.28 -0.08
CA SER B 27 -10.54 3.67 1.02
C SER B 27 -10.07 4.65 2.08
N ARG B 28 -9.71 5.86 1.66
CA ARG B 28 -9.26 6.86 2.62
C ARG B 28 -10.33 7.20 3.65
N PHE B 29 -11.57 7.33 3.19
CA PHE B 29 -12.68 7.64 4.09
C PHE B 29 -13.14 6.41 4.86
N GLU B 30 -13.01 5.24 4.25
CA GLU B 30 -13.39 4.00 4.93
C GLU B 30 -12.44 3.76 6.08
N LYS B 31 -11.15 3.88 5.82
CA LYS B 31 -10.14 3.66 6.85
C LYS B 31 -10.20 4.72 7.95
N LYS B 32 -10.63 5.93 7.59
CA LYS B 32 -10.74 7.02 8.54
C LYS B 32 -11.77 6.66 9.61
N GLY B 33 -12.83 5.97 9.21
CA GLY B 33 -13.84 5.56 10.17
C GLY B 33 -15.25 6.10 9.96
N PHE B 34 -15.48 6.79 8.86
CA PHE B 34 -16.80 7.34 8.57
C PHE B 34 -17.68 6.31 7.86
N LYS B 35 -18.99 6.49 7.94
CA LYS B 35 -19.92 5.57 7.34
C LYS B 35 -20.41 5.99 5.95
N LEU B 36 -20.19 5.11 4.97
CA LEU B 36 -20.62 5.37 3.60
C LEU B 36 -22.12 5.05 3.52
N ILE B 37 -22.93 6.03 3.10
CA ILE B 37 -24.37 5.80 3.00
C ILE B 37 -24.94 6.06 1.61
N GLY B 38 -24.07 6.49 0.68
CA GLY B 38 -24.52 6.76 -0.68
C GLY B 38 -23.35 6.62 -1.62
N LEU B 39 -23.54 5.90 -2.72
CA LEU B 39 -22.47 5.68 -3.68
C LEU B 39 -23.01 5.37 -5.07
N LYS B 40 -22.46 6.02 -6.10
CA LYS B 40 -22.88 5.75 -7.47
C LYS B 40 -21.98 6.39 -8.52
N MET B 41 -21.72 5.64 -9.58
CA MET B 41 -20.97 6.19 -10.71
C MET B 41 -22.11 6.88 -11.44
N PHE B 42 -21.89 8.12 -11.83
CA PHE B 42 -22.95 8.91 -12.43
C PHE B 42 -22.45 9.80 -13.57
N GLN B 43 -23.23 9.89 -14.64
CA GLN B 43 -22.87 10.77 -15.75
C GLN B 43 -23.74 12.00 -15.51
N CYS B 44 -23.11 13.08 -15.06
CA CYS B 44 -23.82 14.30 -14.74
C CYS B 44 -24.35 15.08 -15.93
N PRO B 45 -25.68 15.23 -16.02
CA PRO B 45 -26.24 15.99 -17.15
C PRO B 45 -25.84 17.46 -16.98
N LYS B 46 -25.67 18.17 -18.10
CA LYS B 46 -25.27 19.57 -18.05
C LYS B 46 -26.09 20.44 -17.11
N GLU B 47 -27.41 20.32 -17.15
CA GLU B 47 -28.24 21.15 -16.29
C GLU B 47 -28.01 20.95 -14.80
N LEU B 48 -27.71 19.71 -14.40
CA LEU B 48 -27.47 19.45 -12.98
C LEU B 48 -26.13 20.04 -12.56
N ALA B 49 -25.13 19.94 -13.44
CA ALA B 49 -23.82 20.49 -13.15
C ALA B 49 -23.92 22.00 -13.03
N GLU B 50 -24.68 22.61 -13.95
CA GLU B 50 -24.84 24.06 -13.95
C GLU B 50 -25.59 24.55 -12.71
N GLU B 51 -26.46 23.71 -12.17
CA GLU B 51 -27.19 24.08 -10.96
C GLU B 51 -26.26 23.99 -9.76
N HIS B 52 -25.37 23.00 -9.78
CA HIS B 52 -24.42 22.83 -8.70
C HIS B 52 -23.49 24.03 -8.63
N TYR B 53 -23.05 24.50 -9.79
CA TYR B 53 -22.15 25.63 -9.90
C TYR B 53 -22.88 26.93 -10.25
N LYS B 54 -24.17 26.95 -9.91
CA LYS B 54 -25.05 28.10 -10.17
C LYS B 54 -24.43 29.46 -9.85
N ASP B 55 -23.78 29.56 -8.69
CA ASP B 55 -23.16 30.80 -8.23
C ASP B 55 -22.04 31.33 -9.13
N LEU B 56 -21.53 30.47 -10.01
CA LEU B 56 -20.43 30.86 -10.89
C LEU B 56 -20.83 31.12 -12.33
N SER B 57 -22.13 31.17 -12.59
CA SER B 57 -22.66 31.38 -13.93
C SER B 57 -22.08 32.61 -14.65
N ALA B 58 -21.73 33.63 -13.89
CA ALA B 58 -21.18 34.87 -14.47
C ALA B 58 -19.66 34.86 -14.61
N LYS B 59 -19.00 33.84 -14.08
CA LYS B 59 -17.55 33.76 -14.16
C LYS B 59 -17.10 33.30 -15.55
N SER B 60 -15.93 33.79 -15.96
CA SER B 60 -15.38 33.46 -17.28
C SER B 60 -15.07 31.98 -17.49
N PHE B 61 -14.81 31.27 -16.41
CA PHE B 61 -14.47 29.85 -16.53
C PHE B 61 -15.66 28.91 -16.43
N PHE B 62 -16.86 29.47 -16.28
CA PHE B 62 -18.07 28.65 -16.16
C PHE B 62 -18.18 27.59 -17.26
N PRO B 63 -18.05 28.00 -18.53
CA PRO B 63 -18.15 27.05 -19.64
C PRO B 63 -17.16 25.89 -19.50
N ASN B 64 -15.92 26.22 -19.13
CA ASN B 64 -14.88 25.20 -18.96
C ASN B 64 -15.22 24.27 -17.80
N LEU B 65 -15.74 24.84 -16.71
CA LEU B 65 -16.10 24.07 -15.54
C LEU B 65 -17.17 23.03 -15.83
N ILE B 66 -18.21 23.44 -16.55
CA ILE B 66 -19.29 22.54 -16.89
C ILE B 66 -18.82 21.43 -17.82
N GLU B 67 -18.01 21.80 -18.80
CA GLU B 67 -17.47 20.85 -19.77
C GLU B 67 -16.66 19.80 -19.03
N TYR B 68 -15.84 20.26 -18.08
CA TYR B 68 -14.98 19.40 -17.29
C TYR B 68 -15.76 18.41 -16.43
N ILE B 69 -16.71 18.92 -15.65
CA ILE B 69 -17.49 18.07 -14.77
C ILE B 69 -18.38 17.07 -15.51
N THR B 70 -18.67 17.33 -16.78
CA THR B 70 -19.49 16.42 -17.57
C THR B 70 -18.65 15.69 -18.63
N SER B 71 -17.33 15.87 -18.60
CA SER B 71 -16.43 15.25 -19.58
C SER B 71 -16.22 13.76 -19.39
N GLY B 72 -16.79 13.22 -18.32
CA GLY B 72 -16.67 11.80 -18.04
C GLY B 72 -17.51 11.50 -16.82
N PRO B 73 -17.72 10.23 -16.48
CA PRO B 73 -18.52 9.93 -15.29
C PRO B 73 -17.82 10.36 -13.99
N VAL B 74 -18.62 10.66 -12.99
CA VAL B 74 -18.09 11.03 -11.68
C VAL B 74 -18.59 9.95 -10.73
N VAL B 75 -18.08 9.93 -9.51
CA VAL B 75 -18.55 8.97 -8.52
C VAL B 75 -19.08 9.81 -7.37
N CYS B 76 -20.39 9.75 -7.16
CA CYS B 76 -21.06 10.49 -6.11
C CYS B 76 -21.05 9.69 -4.83
N MET B 77 -20.82 10.38 -3.70
CA MET B 77 -20.78 9.71 -2.42
C MET B 77 -21.39 10.55 -1.31
N ALA B 78 -21.97 9.86 -0.34
CA ALA B 78 -22.56 10.51 0.83
C ALA B 78 -21.93 9.77 2.00
N TRP B 79 -21.35 10.53 2.93
CA TRP B 79 -20.71 9.94 4.11
C TRP B 79 -21.32 10.52 5.37
N GLU B 80 -21.45 9.69 6.39
CA GLU B 80 -22.05 10.08 7.65
C GLU B 80 -21.05 10.00 8.81
N GLY B 81 -21.23 10.88 9.80
CA GLY B 81 -20.36 10.88 10.95
C GLY B 81 -20.28 12.24 11.61
N VAL B 82 -20.03 12.26 12.91
CA VAL B 82 -19.91 13.54 13.62
C VAL B 82 -18.65 14.23 13.13
N GLY B 83 -18.80 15.47 12.69
CA GLY B 83 -17.68 16.24 12.19
C GLY B 83 -17.18 15.79 10.83
N VAL B 84 -17.95 14.94 10.16
CA VAL B 84 -17.54 14.44 8.85
C VAL B 84 -17.30 15.52 7.80
N VAL B 85 -18.09 16.60 7.84
CA VAL B 85 -17.92 17.66 6.85
C VAL B 85 -16.55 18.31 6.93
N ALA B 86 -16.19 18.81 8.10
CA ALA B 86 -14.89 19.46 8.29
C ALA B 86 -13.74 18.47 8.09
N SER B 87 -13.91 17.25 8.58
CA SER B 87 -12.88 16.23 8.46
C SER B 87 -12.62 15.84 7.01
N ALA B 88 -13.69 15.67 6.23
CA ALA B 88 -13.53 15.32 4.82
C ALA B 88 -12.76 16.43 4.11
N ARG B 89 -13.11 17.67 4.40
CA ARG B 89 -12.44 18.82 3.80
C ARG B 89 -10.96 18.77 4.10
N LYS B 90 -10.63 18.39 5.33
CA LYS B 90 -9.25 18.30 5.76
C LYS B 90 -8.51 17.16 5.04
N LEU B 91 -9.15 16.00 4.94
CA LEU B 91 -8.54 14.86 4.27
C LEU B 91 -8.32 15.11 2.78
N ILE B 92 -9.21 15.90 2.18
CA ILE B 92 -9.12 16.22 0.77
C ILE B 92 -7.99 17.21 0.49
N GLY B 93 -7.85 18.20 1.36
CA GLY B 93 -6.79 19.19 1.17
C GLY B 93 -7.21 20.45 0.44
N LYS B 94 -6.31 21.41 0.38
CA LYS B 94 -6.57 22.69 -0.27
C LYS B 94 -6.96 22.54 -1.75
N THR B 95 -7.75 23.50 -2.23
CA THR B 95 -8.23 23.50 -3.60
C THR B 95 -7.13 23.32 -4.63
N ASP B 96 -6.01 24.02 -4.44
CA ASP B 96 -4.88 23.90 -5.36
C ASP B 96 -4.02 22.74 -4.86
N PRO B 97 -3.94 21.65 -5.65
CA PRO B 97 -3.15 20.47 -5.28
C PRO B 97 -1.67 20.75 -4.99
N LEU B 98 -1.13 21.80 -5.61
CA LEU B 98 0.27 22.15 -5.40
C LEU B 98 0.47 22.68 -4.00
N GLN B 99 -0.58 23.33 -3.48
CA GLN B 99 -0.56 23.90 -2.13
C GLN B 99 -1.04 22.91 -1.07
N ALA B 100 -1.92 21.99 -1.47
CA ALA B 100 -2.44 20.97 -0.55
C ALA B 100 -1.25 20.22 0.05
N GLU B 101 -1.33 19.95 1.34
CA GLU B 101 -0.25 19.28 2.06
C GLU B 101 -0.13 17.78 1.79
N PRO B 102 1.10 17.26 1.82
CA PRO B 102 1.28 15.83 1.59
C PRO B 102 0.49 15.12 2.68
N GLY B 103 -0.18 14.03 2.33
CA GLY B 103 -0.99 13.33 3.31
C GLY B 103 -2.46 13.50 2.94
N THR B 104 -2.78 14.62 2.29
CA THR B 104 -4.15 14.85 1.87
C THR B 104 -4.32 14.25 0.48
N ILE B 105 -5.56 14.02 0.07
CA ILE B 105 -5.84 13.44 -1.23
C ILE B 105 -5.27 14.26 -2.39
N ARG B 106 -5.58 15.55 -2.43
CA ARG B 106 -5.06 16.37 -3.52
C ARG B 106 -3.56 16.62 -3.37
N GLY B 107 -3.09 16.69 -2.14
CA GLY B 107 -1.68 16.92 -1.91
C GLY B 107 -0.82 15.73 -2.33
N ASP B 108 -1.38 14.53 -2.25
CA ASP B 108 -0.66 13.32 -2.63
C ASP B 108 -0.91 12.89 -4.06
N LEU B 109 -2.12 13.18 -4.56
CA LEU B 109 -2.51 12.68 -5.87
C LEU B 109 -2.89 13.61 -7.02
N ALA B 110 -2.65 14.92 -6.90
CA ALA B 110 -3.00 15.83 -7.99
C ALA B 110 -1.98 16.95 -8.13
N VAL B 111 -2.01 17.64 -9.27
CA VAL B 111 -1.06 18.72 -9.52
C VAL B 111 -1.66 20.06 -9.94
N GLN B 112 -2.94 20.08 -10.32
CA GLN B 112 -3.56 21.33 -10.76
C GLN B 112 -4.99 21.54 -10.26
N THR B 113 -5.32 22.79 -9.97
CA THR B 113 -6.65 23.13 -9.47
C THR B 113 -7.77 22.69 -10.41
N GLY B 114 -7.54 22.85 -11.71
CA GLY B 114 -8.54 22.49 -12.71
C GLY B 114 -8.74 21.00 -12.91
N ARG B 115 -7.91 20.20 -12.23
CA ARG B 115 -7.98 18.75 -12.30
C ARG B 115 -7.62 18.27 -10.90
N ASN B 116 -8.39 18.72 -9.91
CA ASN B 116 -8.10 18.36 -8.53
C ASN B 116 -8.86 17.17 -7.95
N ILE B 117 -9.15 16.23 -8.86
CA ILE B 117 -9.80 14.93 -8.62
C ILE B 117 -10.97 14.69 -7.68
N VAL B 118 -11.20 15.55 -6.70
CA VAL B 118 -12.29 15.29 -5.77
C VAL B 118 -12.87 16.57 -5.16
N HIS B 119 -14.11 16.46 -4.70
CA HIS B 119 -14.82 17.57 -4.08
C HIS B 119 -15.47 17.12 -2.78
N GLY B 120 -15.54 18.03 -1.81
CA GLY B 120 -16.18 17.73 -0.54
C GLY B 120 -16.99 18.95 -0.13
N SER B 121 -18.18 18.73 0.44
CA SER B 121 -19.02 19.85 0.87
C SER B 121 -18.21 20.75 1.81
N ASP B 122 -18.38 22.07 1.67
CA ASP B 122 -17.62 22.99 2.51
C ASP B 122 -18.32 23.36 3.82
N SER B 123 -19.53 22.87 4.01
CA SER B 123 -20.29 23.14 5.23
C SER B 123 -21.44 22.16 5.35
N PRO B 124 -21.94 21.95 6.58
CA PRO B 124 -23.05 21.01 6.75
C PRO B 124 -24.28 21.39 5.92
N GLU B 125 -24.53 22.68 5.76
CA GLU B 125 -25.68 23.11 4.98
C GLU B 125 -25.49 22.73 3.51
N ASN B 126 -24.29 22.97 2.99
CA ASN B 126 -24.01 22.61 1.61
C ASN B 126 -23.96 21.10 1.49
N GLY B 127 -23.67 20.44 2.62
CA GLY B 127 -23.63 18.99 2.63
C GLY B 127 -25.03 18.46 2.34
N LYS B 128 -26.02 19.01 3.03
CA LYS B 128 -27.40 18.58 2.83
C LYS B 128 -27.86 18.98 1.44
N ARG B 129 -27.52 20.20 1.03
CA ARG B 129 -27.90 20.73 -0.28
C ARG B 129 -27.37 19.85 -1.41
N GLU B 130 -26.08 19.54 -1.36
CA GLU B 130 -25.45 18.73 -2.39
C GLU B 130 -25.96 17.29 -2.43
N ILE B 131 -26.15 16.68 -1.26
CA ILE B 131 -26.67 15.31 -1.25
C ILE B 131 -28.07 15.32 -1.87
N GLY B 132 -28.86 16.34 -1.55
CA GLY B 132 -30.20 16.42 -2.09
C GLY B 132 -30.23 16.67 -3.60
N LEU B 133 -29.20 17.34 -4.10
CA LEU B 133 -29.12 17.66 -5.52
C LEU B 133 -28.60 16.52 -6.38
N TRP B 134 -27.50 15.91 -5.93
CA TRP B 134 -26.88 14.83 -6.68
C TRP B 134 -27.53 13.45 -6.50
N PHE B 135 -28.09 13.19 -5.32
CA PHE B 135 -28.73 11.92 -5.06
C PHE B 135 -30.25 12.01 -5.08
N LYS B 136 -30.89 10.87 -5.28
CA LYS B 136 -32.35 10.77 -5.26
C LYS B 136 -32.57 10.08 -3.91
N GLU B 137 -33.35 10.69 -3.03
CA GLU B 137 -33.58 10.14 -1.69
C GLU B 137 -33.48 8.62 -1.50
N GLY B 138 -34.19 7.87 -2.32
CA GLY B 138 -34.16 6.42 -2.20
C GLY B 138 -32.79 5.79 -2.45
N GLU B 139 -31.84 6.58 -2.91
CA GLU B 139 -30.51 6.06 -3.20
C GLU B 139 -29.63 5.92 -1.96
N LEU B 140 -29.90 6.69 -0.92
CA LEU B 140 -29.11 6.58 0.30
C LEU B 140 -29.50 5.32 1.05
N CYS B 141 -28.52 4.69 1.69
CA CYS B 141 -28.76 3.46 2.43
C CYS B 141 -28.38 3.59 3.90
N LYS B 142 -29.30 3.17 4.77
CA LYS B 142 -29.03 3.24 6.20
C LYS B 142 -28.61 1.86 6.67
N TRP B 143 -27.68 1.82 7.62
CA TRP B 143 -27.21 0.54 8.17
C TRP B 143 -26.48 0.75 9.49
N ASP B 144 -26.41 -0.31 10.29
CA ASP B 144 -25.74 -0.26 11.58
C ASP B 144 -24.35 -0.88 11.48
N SER B 145 -23.32 -0.05 11.66
CA SER B 145 -21.94 -0.51 11.56
C SER B 145 -21.53 -1.33 12.79
N ALA B 146 -21.00 -2.52 12.54
CA ALA B 146 -20.58 -3.41 13.62
C ALA B 146 -19.50 -2.78 14.50
N LEU B 147 -18.65 -1.95 13.92
CA LEU B 147 -17.56 -1.32 14.66
C LEU B 147 -17.91 0.04 15.27
N ALA B 148 -19.17 0.44 15.18
CA ALA B 148 -19.61 1.73 15.72
C ALA B 148 -19.07 2.02 17.13
N THR B 149 -19.22 1.05 18.02
CA THR B 149 -18.77 1.22 19.41
C THR B 149 -17.26 1.42 19.51
N TRP B 150 -16.52 0.98 18.51
CA TRP B 150 -15.08 1.12 18.53
C TRP B 150 -14.56 2.35 17.80
N LEU B 151 -15.46 3.05 17.11
CA LEU B 151 -15.09 4.27 16.40
C LEU B 151 -15.49 5.49 17.23
N ARG B 152 -16.54 5.36 18.03
CA ARG B 152 -17.00 6.47 18.87
C ARG B 152 -17.56 5.96 20.19
N GLU B 153 -17.21 6.63 21.28
CA GLU B 153 -17.69 6.22 22.61
C GLU B 153 -19.13 6.71 22.82
N VAL C 5 20.33 5.46 24.55
CA VAL C 5 19.54 6.14 23.53
C VAL C 5 18.08 6.30 23.99
N GLU C 6 17.50 7.44 23.64
CA GLU C 6 16.12 7.75 24.01
C GLU C 6 15.13 6.65 23.64
N GLU C 7 14.16 6.41 24.53
CA GLU C 7 13.14 5.40 24.33
C GLU C 7 11.77 6.00 24.61
N THR C 8 10.74 5.46 23.97
CA THR C 8 9.39 5.93 24.21
C THR C 8 8.41 4.77 24.25
N TYR C 9 7.30 4.97 24.95
CA TYR C 9 6.29 3.95 25.08
C TYR C 9 5.13 4.24 24.11
N ILE C 10 4.82 3.28 23.25
CA ILE C 10 3.72 3.46 22.32
C ILE C 10 2.73 2.32 22.56
N MET C 11 1.46 2.67 22.68
CA MET C 11 0.45 1.67 22.94
C MET C 11 -0.73 1.74 21.98
N VAL C 12 -1.13 0.58 21.45
CA VAL C 12 -2.28 0.51 20.58
C VAL C 12 -3.44 0.21 21.52
N LYS C 13 -4.35 1.16 21.65
CA LYS C 13 -5.50 0.99 22.53
C LYS C 13 -6.45 -0.09 22.03
N PRO C 14 -7.38 -0.55 22.88
CA PRO C 14 -8.35 -1.60 22.54
C PRO C 14 -9.04 -1.45 21.19
N ASP C 15 -9.40 -0.21 20.82
CA ASP C 15 -10.09 0.01 19.55
C ASP C 15 -9.17 -0.31 18.35
N GLY C 16 -7.86 -0.23 18.56
CA GLY C 16 -6.92 -0.52 17.50
C GLY C 16 -6.89 -2.01 17.21
N ILE C 17 -6.96 -2.82 18.27
CA ILE C 17 -6.95 -4.26 18.12
C ILE C 17 -8.25 -4.72 17.45
N GLN C 18 -9.37 -4.18 17.91
CA GLN C 18 -10.68 -4.53 17.37
C GLN C 18 -10.81 -4.19 15.90
N ARG C 19 -10.15 -3.13 15.47
CA ARG C 19 -10.20 -2.70 14.08
C ARG C 19 -9.08 -3.27 13.21
N GLY C 20 -8.25 -4.12 13.81
CA GLY C 20 -7.16 -4.74 13.10
C GLY C 20 -6.13 -3.77 12.53
N LEU C 21 -5.68 -2.85 13.37
CA LEU C 21 -4.71 -1.84 12.97
C LEU C 21 -3.33 -2.05 13.60
N VAL C 22 -3.15 -3.16 14.32
CA VAL C 22 -1.88 -3.44 14.99
C VAL C 22 -0.67 -3.42 14.06
N GLY C 23 -0.74 -4.24 13.01
CA GLY C 23 0.36 -4.30 12.06
C GLY C 23 0.60 -2.98 11.36
N GLU C 24 -0.49 -2.32 10.96
CA GLU C 24 -0.40 -1.03 10.28
C GLU C 24 0.30 0.02 11.12
N ILE C 25 -0.02 0.06 12.41
CA ILE C 25 0.60 1.02 13.30
C ILE C 25 2.08 0.70 13.49
N ILE C 26 2.40 -0.58 13.68
CA ILE C 26 3.79 -0.99 13.85
C ILE C 26 4.60 -0.62 12.61
N SER C 27 4.03 -0.86 11.43
CA SER C 27 4.73 -0.55 10.20
C SER C 27 5.08 0.91 10.04
N ARG C 28 4.22 1.79 10.55
CA ARG C 28 4.49 3.22 10.45
C ARG C 28 5.79 3.59 11.14
N PHE C 29 6.02 2.99 12.30
CA PHE C 29 7.23 3.28 13.04
C PHE C 29 8.44 2.51 12.49
N GLU C 30 8.20 1.31 11.94
CA GLU C 30 9.29 0.54 11.37
C GLU C 30 9.81 1.28 10.14
N LYS C 31 8.89 1.70 9.27
CA LYS C 31 9.27 2.41 8.05
C LYS C 31 9.95 3.74 8.34
N LYS C 32 9.56 4.36 9.45
CA LYS C 32 10.11 5.64 9.86
C LYS C 32 11.62 5.49 10.11
N GLY C 33 12.00 4.35 10.68
CA GLY C 33 13.41 4.10 10.93
C GLY C 33 13.77 3.87 12.39
N PHE C 34 12.77 3.84 13.26
CA PHE C 34 13.04 3.62 14.69
C PHE C 34 13.14 2.13 15.01
N LYS C 35 13.77 1.83 16.15
CA LYS C 35 13.98 0.44 16.57
C LYS C 35 12.98 -0.09 17.58
N LEU C 36 12.32 -1.20 17.23
CA LEU C 36 11.35 -1.84 18.11
C LEU C 36 12.13 -2.69 19.12
N ILE C 37 12.01 -2.38 20.40
CA ILE C 37 12.72 -3.14 21.43
C ILE C 37 11.80 -3.80 22.43
N GLY C 38 10.50 -3.52 22.31
CA GLY C 38 9.54 -4.12 23.22
C GLY C 38 8.20 -4.26 22.53
N LEU C 39 7.56 -5.41 22.70
CA LEU C 39 6.27 -5.65 22.08
C LEU C 39 5.50 -6.78 22.74
N LYS C 40 4.22 -6.57 22.98
CA LYS C 40 3.40 -7.60 23.60
C LYS C 40 1.93 -7.24 23.65
N MET C 41 1.07 -8.22 23.37
CA MET C 41 -0.37 -8.01 23.45
C MET C 41 -0.55 -8.19 24.95
N PHE C 42 -1.33 -7.30 25.56
CA PHE C 42 -1.48 -7.34 27.00
C PHE C 42 -2.88 -6.98 27.48
N GLN C 43 -3.30 -7.61 28.57
CA GLN C 43 -4.61 -7.35 29.16
C GLN C 43 -4.31 -6.39 30.32
N CYS C 44 -4.64 -5.12 30.15
CA CYS C 44 -4.34 -4.12 31.17
C CYS C 44 -5.23 -4.19 32.40
N PRO C 45 -4.61 -4.31 33.59
CA PRO C 45 -5.32 -4.38 34.85
C PRO C 45 -5.77 -2.98 35.28
N LYS C 46 -6.96 -2.90 35.87
CA LYS C 46 -7.50 -1.62 36.32
C LYS C 46 -6.45 -0.82 37.09
N GLU C 47 -5.73 -1.50 37.98
CA GLU C 47 -4.69 -0.85 38.78
C GLU C 47 -3.67 -0.11 37.91
N LEU C 48 -3.07 -0.83 36.96
CA LEU C 48 -2.07 -0.25 36.08
C LEU C 48 -2.62 0.91 35.26
N ALA C 49 -3.86 0.76 34.79
CA ALA C 49 -4.49 1.81 34.00
C ALA C 49 -4.64 3.10 34.81
N GLU C 50 -4.99 2.95 36.08
CA GLU C 50 -5.16 4.10 36.96
C GLU C 50 -3.84 4.78 37.31
N GLU C 51 -2.77 4.00 37.39
CA GLU C 51 -1.45 4.57 37.68
C GLU C 51 -0.91 5.29 36.45
N HIS C 52 -1.21 4.74 35.28
CA HIS C 52 -0.78 5.33 34.03
C HIS C 52 -1.43 6.70 33.84
N TYR C 53 -2.75 6.73 33.96
CA TYR C 53 -3.51 7.96 33.80
C TYR C 53 -3.76 8.67 35.13
N LYS C 54 -2.73 8.75 35.96
CA LYS C 54 -2.86 9.41 37.26
C LYS C 54 -3.05 10.91 37.10
N ASP C 55 -2.55 11.48 36.02
CA ASP C 55 -2.67 12.90 35.75
C ASP C 55 -4.10 13.29 35.37
N LEU C 56 -5.01 12.32 35.45
CA LEU C 56 -6.41 12.55 35.11
C LEU C 56 -7.35 11.90 36.12
N SER C 57 -6.78 11.47 37.24
CA SER C 57 -7.56 10.80 38.29
C SER C 57 -8.72 11.64 38.82
N ALA C 58 -8.52 12.95 38.88
CA ALA C 58 -9.55 13.86 39.39
C ALA C 58 -10.56 14.30 38.33
N LYS C 59 -10.39 13.82 37.10
CA LYS C 59 -11.29 14.18 36.01
C LYS C 59 -12.59 13.37 36.07
N SER C 60 -13.68 13.96 35.58
CA SER C 60 -14.98 13.32 35.60
C SER C 60 -15.09 12.19 34.57
N PHE C 61 -14.19 12.19 33.59
CA PHE C 61 -14.18 11.16 32.56
C PHE C 61 -13.20 10.05 32.90
N PHE C 62 -12.53 10.19 34.05
CA PHE C 62 -11.54 9.22 34.49
C PHE C 62 -12.10 7.78 34.56
N PRO C 63 -13.28 7.60 35.17
CA PRO C 63 -13.84 6.24 35.26
C PRO C 63 -14.08 5.59 33.90
N ASN C 64 -14.68 6.34 32.97
CA ASN C 64 -14.96 5.83 31.64
C ASN C 64 -13.65 5.50 30.92
N LEU C 65 -12.60 6.25 31.25
CA LEU C 65 -11.29 6.06 30.65
C LEU C 65 -10.69 4.73 31.09
N ILE C 66 -10.73 4.47 32.40
CA ILE C 66 -10.17 3.24 32.95
C ILE C 66 -10.83 1.99 32.39
N GLU C 67 -12.16 1.99 32.33
CA GLU C 67 -12.90 0.85 31.80
C GLU C 67 -12.67 0.67 30.31
N TYR C 68 -12.35 1.76 29.62
CA TYR C 68 -12.09 1.72 28.18
C TYR C 68 -10.76 1.04 27.88
N ILE C 69 -9.72 1.42 28.62
CA ILE C 69 -8.40 0.84 28.42
C ILE C 69 -8.39 -0.63 28.86
N THR C 70 -9.41 -1.03 29.61
CA THR C 70 -9.52 -2.40 30.08
C THR C 70 -10.67 -3.11 29.35
N SER C 71 -11.25 -2.44 28.35
CA SER C 71 -12.36 -3.00 27.59
C SER C 71 -11.90 -4.07 26.61
N GLY C 72 -10.60 -4.32 26.58
CA GLY C 72 -10.05 -5.32 25.68
C GLY C 72 -8.53 -5.30 25.70
N PRO C 73 -7.88 -6.30 25.11
CA PRO C 73 -6.41 -6.30 25.10
C PRO C 73 -5.82 -5.12 24.36
N VAL C 74 -4.62 -4.72 24.78
CA VAL C 74 -3.91 -3.62 24.15
C VAL C 74 -2.58 -4.18 23.67
N VAL C 75 -1.86 -3.38 22.89
CA VAL C 75 -0.56 -3.81 22.41
C VAL C 75 0.48 -2.81 22.89
N CYS C 76 1.31 -3.27 23.82
CA CYS C 76 2.35 -2.43 24.41
C CYS C 76 3.60 -2.44 23.53
N MET C 77 4.21 -1.28 23.35
CA MET C 77 5.41 -1.16 22.53
C MET C 77 6.45 -0.21 23.11
N ALA C 78 7.72 -0.58 22.92
CA ALA C 78 8.83 0.25 23.37
C ALA C 78 9.69 0.47 22.14
N TRP C 79 9.88 1.74 21.77
CA TRP C 79 10.69 2.07 20.60
C TRP C 79 11.89 2.90 21.00
N GLU C 80 12.98 2.72 20.28
CA GLU C 80 14.24 3.40 20.55
C GLU C 80 14.74 4.25 19.38
N GLY C 81 15.38 5.37 19.70
CA GLY C 81 15.92 6.23 18.66
C GLY C 81 16.09 7.66 19.15
N VAL C 82 17.07 8.36 18.60
CA VAL C 82 17.31 9.75 18.99
C VAL C 82 16.10 10.58 18.55
N GLY C 83 15.45 11.24 19.51
CA GLY C 83 14.29 12.05 19.21
C GLY C 83 13.01 11.27 18.99
N VAL C 84 13.02 9.98 19.32
CA VAL C 84 11.85 9.13 19.11
C VAL C 84 10.59 9.55 19.88
N VAL C 85 10.74 10.13 21.07
CA VAL C 85 9.55 10.54 21.82
C VAL C 85 8.77 11.62 21.09
N ALA C 86 9.43 12.72 20.74
CA ALA C 86 8.77 13.81 20.05
C ALA C 86 8.31 13.39 18.66
N SER C 87 9.12 12.57 17.99
CA SER C 87 8.78 12.10 16.65
C SER C 87 7.53 11.23 16.65
N ALA C 88 7.42 10.33 17.62
CA ALA C 88 6.24 9.45 17.69
C ALA C 88 4.99 10.29 17.95
N ARG C 89 5.12 11.30 18.80
CA ARG C 89 3.99 12.18 19.11
C ARG C 89 3.52 12.85 17.83
N LYS C 90 4.47 13.31 17.01
CA LYS C 90 4.13 13.96 15.75
C LYS C 90 3.46 12.97 14.79
N LEU C 91 4.01 11.77 14.68
CA LEU C 91 3.44 10.76 13.79
C LEU C 91 2.04 10.34 14.23
N ILE C 92 1.79 10.40 15.54
CA ILE C 92 0.49 10.02 16.08
C ILE C 92 -0.61 11.06 15.82
N GLY C 93 -0.26 12.34 15.94
CA GLY C 93 -1.23 13.40 15.68
C GLY C 93 -1.97 13.92 16.90
N LYS C 94 -2.74 14.99 16.70
CA LYS C 94 -3.50 15.59 17.78
C LYS C 94 -4.46 14.63 18.49
N THR C 95 -4.71 14.89 19.76
CA THR C 95 -5.60 14.07 20.58
C THR C 95 -6.94 13.82 19.92
N ASP C 96 -7.52 14.86 19.32
CA ASP C 96 -8.81 14.75 18.65
C ASP C 96 -8.55 14.37 17.19
N PRO C 97 -8.86 13.10 16.82
CA PRO C 97 -8.65 12.63 15.44
C PRO C 97 -9.22 13.52 14.35
N LEU C 98 -10.30 14.23 14.66
CA LEU C 98 -10.90 15.13 13.67
C LEU C 98 -9.96 16.30 13.38
N GLN C 99 -9.17 16.69 14.37
CA GLN C 99 -8.23 17.79 14.20
C GLN C 99 -6.83 17.35 13.79
N ALA C 100 -6.49 16.10 14.08
CA ALA C 100 -5.18 15.56 13.71
C ALA C 100 -5.05 15.67 12.18
N GLU C 101 -3.87 16.05 11.71
CA GLU C 101 -3.64 16.22 10.27
C GLU C 101 -3.54 14.92 9.49
N PRO C 102 -3.96 14.95 8.21
CA PRO C 102 -3.87 13.76 7.37
C PRO C 102 -2.39 13.43 7.31
N GLY C 103 -2.05 12.14 7.37
CA GLY C 103 -0.65 11.76 7.35
C GLY C 103 -0.25 11.20 8.70
N THR C 104 -0.93 11.62 9.76
CA THR C 104 -0.65 11.12 11.10
C THR C 104 -1.58 9.93 11.31
N ILE C 105 -1.27 9.09 12.30
CA ILE C 105 -2.08 7.92 12.58
C ILE C 105 -3.52 8.29 12.90
N ARG C 106 -3.72 9.21 13.84
CA ARG C 106 -5.07 9.61 14.21
C ARG C 106 -5.76 10.38 13.09
N GLY C 107 -5.00 11.20 12.38
CA GLY C 107 -5.56 11.97 11.28
C GLY C 107 -6.04 11.10 10.13
N ASP C 108 -5.37 9.97 9.92
CA ASP C 108 -5.74 9.06 8.84
C ASP C 108 -6.72 7.96 9.23
N LEU C 109 -6.63 7.50 10.47
CA LEU C 109 -7.43 6.37 10.91
C LEU C 109 -8.44 6.48 12.06
N ALA C 110 -8.74 7.67 12.56
CA ALA C 110 -9.70 7.78 13.64
C ALA C 110 -10.64 8.97 13.51
N VAL C 111 -11.74 8.96 14.25
CA VAL C 111 -12.71 10.04 14.16
C VAL C 111 -13.12 10.66 15.49
N GLN C 112 -12.78 10.02 16.60
CA GLN C 112 -13.17 10.57 17.90
C GLN C 112 -12.10 10.45 18.98
N THR C 113 -12.02 11.46 19.84
CA THR C 113 -11.04 11.48 20.92
C THR C 113 -11.09 10.26 21.81
N GLY C 114 -12.31 9.85 22.18
CA GLY C 114 -12.48 8.70 23.04
C GLY C 114 -12.03 7.37 22.43
N ARG C 115 -11.81 7.38 21.12
CA ARG C 115 -11.35 6.20 20.40
C ARG C 115 -10.24 6.63 19.46
N ASN C 116 -9.13 7.11 20.03
CA ASN C 116 -8.04 7.58 19.16
C ASN C 116 -6.90 6.58 18.93
N ILE C 117 -7.27 5.30 18.94
CA ILE C 117 -6.38 4.18 18.63
C ILE C 117 -5.01 3.99 19.25
N VAL C 118 -4.29 5.06 19.52
CA VAL C 118 -2.94 4.91 20.04
C VAL C 118 -2.51 5.97 21.03
N HIS C 119 -1.45 5.67 21.76
CA HIS C 119 -0.86 6.57 22.74
C HIS C 119 0.66 6.56 22.60
N GLY C 120 1.27 7.72 22.84
CA GLY C 120 2.72 7.83 22.78
C GLY C 120 3.16 8.70 23.95
N SER C 121 4.23 8.33 24.62
CA SER C 121 4.74 9.11 25.76
C SER C 121 4.92 10.58 25.34
N ASP C 122 4.59 11.51 26.23
CA ASP C 122 4.71 12.93 25.89
C ASP C 122 6.08 13.55 26.14
N SER C 123 6.96 12.83 26.83
CA SER C 123 8.30 13.34 27.11
C SER C 123 9.27 12.19 27.37
N PRO C 124 10.59 12.47 27.27
CA PRO C 124 11.58 11.41 27.49
C PRO C 124 11.46 10.73 28.85
N GLU C 125 11.31 11.50 29.92
CA GLU C 125 11.19 10.89 31.24
C GLU C 125 9.90 10.10 31.36
N ASN C 126 8.82 10.60 30.75
CA ASN C 126 7.56 9.86 30.81
C ASN C 126 7.67 8.61 29.96
N GLY C 127 8.58 8.64 28.99
CA GLY C 127 8.78 7.47 28.15
C GLY C 127 9.42 6.42 29.04
N LYS C 128 10.41 6.86 29.81
CA LYS C 128 11.11 5.99 30.75
C LYS C 128 10.16 5.47 31.81
N ARG C 129 9.30 6.36 32.31
CA ARG C 129 8.33 5.99 33.34
C ARG C 129 7.26 5.02 32.86
N GLU C 130 6.76 5.22 31.64
CA GLU C 130 5.74 4.36 31.09
C GLU C 130 6.26 2.98 30.70
N ILE C 131 7.47 2.93 30.16
CA ILE C 131 8.07 1.66 29.79
C ILE C 131 8.27 0.86 31.08
N GLY C 132 8.58 1.56 32.17
CA GLY C 132 8.78 0.89 33.44
C GLY C 132 7.49 0.35 34.06
N LEU C 133 6.36 0.99 33.76
CA LEU C 133 5.08 0.56 34.29
C LEU C 133 4.45 -0.57 33.49
N TRP C 134 4.55 -0.48 32.16
CA TRP C 134 3.95 -1.48 31.29
C TRP C 134 4.78 -2.72 31.01
N PHE C 135 6.10 -2.57 30.93
CA PHE C 135 6.96 -3.72 30.66
C PHE C 135 7.67 -4.22 31.92
N LYS C 136 8.10 -5.48 31.87
CA LYS C 136 8.82 -6.10 32.97
C LYS C 136 10.32 -5.96 32.72
N GLU C 137 11.12 -6.51 33.63
CA GLU C 137 12.59 -6.43 33.52
C GLU C 137 13.16 -6.78 32.14
N GLY C 138 13.49 -8.04 31.94
CA GLY C 138 14.06 -8.48 30.68
C GLY C 138 13.04 -8.68 29.58
N GLU C 139 11.95 -7.92 29.64
CA GLU C 139 10.90 -8.03 28.64
C GLU C 139 11.33 -7.26 27.39
N LEU C 140 12.18 -6.26 27.59
CA LEU C 140 12.69 -5.46 26.48
C LEU C 140 13.84 -6.23 25.85
N CYS C 141 13.98 -6.09 24.54
CA CYS C 141 15.04 -6.79 23.82
C CYS C 141 15.96 -5.79 23.12
N LYS C 142 17.21 -5.76 23.55
CA LYS C 142 18.17 -4.85 22.95
C LYS C 142 18.88 -5.57 21.82
N TRP C 143 19.01 -4.90 20.69
CA TRP C 143 19.68 -5.47 19.52
C TRP C 143 20.26 -4.37 18.66
N ASP C 144 21.15 -4.74 17.76
CA ASP C 144 21.79 -3.77 16.89
C ASP C 144 21.30 -3.93 15.47
N SER C 145 20.74 -2.86 14.94
CA SER C 145 20.20 -2.85 13.58
C SER C 145 21.26 -2.82 12.50
N ALA C 146 21.11 -3.69 11.50
CA ALA C 146 22.05 -3.78 10.40
C ALA C 146 22.08 -2.48 9.60
N LEU C 147 20.95 -1.77 9.57
CA LEU C 147 20.85 -0.53 8.83
C LEU C 147 21.20 0.72 9.65
N ALA C 148 21.64 0.53 10.89
CA ALA C 148 21.99 1.63 11.77
C ALA C 148 22.83 2.73 11.13
N THR C 149 23.87 2.34 10.41
CA THR C 149 24.75 3.31 9.76
C THR C 149 24.05 4.10 8.66
N TRP C 150 22.91 3.63 8.18
CA TRP C 150 22.19 4.32 7.12
C TRP C 150 21.00 5.12 7.61
N LEU C 151 20.78 5.14 8.91
CA LEU C 151 19.69 5.89 9.49
C LEU C 151 20.21 7.02 10.37
N ARG C 152 21.46 6.87 10.81
CA ARG C 152 22.09 7.87 11.67
C ARG C 152 23.57 7.91 11.33
N GLU C 153 24.10 9.11 11.10
CA GLU C 153 25.51 9.25 10.78
C GLU C 153 26.36 9.12 12.04
N SER D 1 26.35 -18.72 3.00
CA SER D 1 26.90 -19.81 2.20
C SER D 1 27.54 -19.27 0.93
N MET D 2 28.06 -20.18 0.12
CA MET D 2 28.69 -19.82 -1.14
C MET D 2 27.74 -20.17 -2.28
N GLU D 3 27.08 -19.16 -2.82
CA GLU D 3 26.14 -19.39 -3.92
C GLU D 3 26.51 -18.48 -5.08
N ASP D 4 25.95 -18.73 -6.26
CA ASP D 4 26.29 -17.90 -7.39
C ASP D 4 25.29 -16.78 -7.57
N VAL D 5 25.78 -15.55 -7.45
CA VAL D 5 24.95 -14.38 -7.60
C VAL D 5 24.90 -14.06 -9.08
N GLU D 6 23.72 -14.18 -9.68
CA GLU D 6 23.56 -13.90 -11.10
C GLU D 6 22.89 -12.55 -11.29
N GLU D 7 22.78 -12.14 -12.54
CA GLU D 7 22.16 -10.87 -12.88
C GLU D 7 21.09 -11.09 -13.94
N THR D 8 20.02 -10.30 -13.87
CA THR D 8 18.96 -10.42 -14.85
C THR D 8 18.54 -9.04 -15.32
N TYR D 9 18.06 -8.97 -16.56
CA TYR D 9 17.61 -7.72 -17.12
C TYR D 9 16.10 -7.62 -16.96
N ILE D 10 15.64 -6.53 -16.36
CA ILE D 10 14.21 -6.32 -16.18
C ILE D 10 13.89 -4.95 -16.79
N MET D 11 12.93 -4.94 -17.71
CA MET D 11 12.57 -3.69 -18.37
C MET D 11 11.11 -3.35 -18.26
N VAL D 12 10.81 -2.13 -17.84
CA VAL D 12 9.43 -1.71 -17.77
C VAL D 12 9.15 -1.18 -19.17
N LYS D 13 8.20 -1.80 -19.87
CA LYS D 13 7.86 -1.40 -21.23
C LYS D 13 7.15 -0.06 -21.29
N PRO D 14 7.01 0.52 -22.49
CA PRO D 14 6.36 1.82 -22.62
C PRO D 14 5.03 1.98 -21.87
N ASP D 15 4.21 0.94 -21.88
CA ASP D 15 2.93 1.01 -21.19
C ASP D 15 3.07 1.20 -19.68
N GLY D 16 4.14 0.66 -19.10
CA GLY D 16 4.36 0.80 -17.66
C GLY D 16 4.70 2.24 -17.28
N ILE D 17 5.42 2.92 -18.16
CA ILE D 17 5.77 4.31 -17.92
C ILE D 17 4.52 5.17 -18.06
N GLN D 18 3.74 4.93 -19.12
CA GLN D 18 2.52 5.69 -19.34
C GLN D 18 1.49 5.48 -18.21
N ARG D 19 1.49 4.30 -17.60
CA ARG D 19 0.54 4.01 -16.54
C ARG D 19 1.07 4.35 -15.13
N GLY D 20 2.27 4.90 -15.07
CA GLY D 20 2.88 5.27 -13.79
C GLY D 20 3.16 4.12 -12.85
N LEU D 21 3.72 3.04 -13.38
CA LEU D 21 4.01 1.86 -12.58
C LEU D 21 5.49 1.60 -12.33
N VAL D 22 6.34 2.54 -12.75
CA VAL D 22 7.79 2.37 -12.57
C VAL D 22 8.16 2.14 -11.11
N GLY D 23 7.71 3.03 -10.24
CA GLY D 23 8.02 2.90 -8.82
C GLY D 23 7.47 1.63 -8.21
N GLU D 24 6.23 1.31 -8.56
CA GLU D 24 5.56 0.12 -8.05
C GLU D 24 6.30 -1.17 -8.42
N ILE D 25 6.75 -1.25 -9.67
CA ILE D 25 7.46 -2.43 -10.13
C ILE D 25 8.82 -2.54 -9.44
N ILE D 26 9.53 -1.42 -9.30
CA ILE D 26 10.82 -1.44 -8.64
C ILE D 26 10.65 -1.91 -7.20
N SER D 27 9.62 -1.40 -6.52
CA SER D 27 9.37 -1.78 -5.13
C SER D 27 9.15 -3.28 -4.92
N ARG D 28 8.52 -3.94 -5.89
CA ARG D 28 8.28 -5.38 -5.75
C ARG D 28 9.59 -6.15 -5.67
N PHE D 29 10.57 -5.74 -6.45
CA PHE D 29 11.86 -6.43 -6.44
C PHE D 29 12.70 -6.01 -5.25
N GLU D 30 12.56 -4.75 -4.82
CA GLU D 30 13.29 -4.27 -3.65
C GLU D 30 12.75 -5.00 -2.42
N LYS D 31 11.44 -5.07 -2.31
CA LYS D 31 10.82 -5.72 -1.16
C LYS D 31 11.10 -7.22 -1.11
N LYS D 32 11.27 -7.81 -2.29
CA LYS D 32 11.57 -9.24 -2.41
C LYS D 32 12.92 -9.51 -1.77
N GLY D 33 13.85 -8.57 -1.93
CA GLY D 33 15.16 -8.73 -1.34
C GLY D 33 16.30 -8.73 -2.33
N PHE D 34 16.02 -8.47 -3.60
CA PHE D 34 17.08 -8.45 -4.60
C PHE D 34 17.78 -7.09 -4.68
N LYS D 35 18.97 -7.09 -5.27
CA LYS D 35 19.80 -5.90 -5.40
C LYS D 35 19.75 -5.20 -6.76
N LEU D 36 19.39 -3.93 -6.75
CA LEU D 36 19.34 -3.14 -7.98
C LEU D 36 20.75 -2.64 -8.28
N ILE D 37 21.29 -2.98 -9.45
CA ILE D 37 22.64 -2.54 -9.82
C ILE D 37 22.67 -1.76 -11.13
N GLY D 38 21.52 -1.63 -11.77
CA GLY D 38 21.44 -0.87 -13.01
C GLY D 38 20.06 -0.29 -13.18
N LEU D 39 19.98 0.98 -13.55
CA LEU D 39 18.68 1.63 -13.72
C LEU D 39 18.76 2.89 -14.59
N LYS D 40 17.82 3.02 -15.52
CA LYS D 40 17.79 4.21 -16.37
C LYS D 40 16.53 4.30 -17.22
N MET D 41 15.96 5.50 -17.32
CA MET D 41 14.82 5.70 -18.19
C MET D 41 15.54 5.84 -19.52
N PHE D 42 15.01 5.23 -20.57
CA PHE D 42 15.72 5.21 -21.85
C PHE D 42 14.77 5.22 -23.05
N GLN D 43 15.14 5.96 -24.10
CA GLN D 43 14.35 5.99 -25.33
C GLN D 43 15.09 5.03 -26.24
N CYS D 44 14.55 3.83 -26.41
CA CYS D 44 15.21 2.80 -27.22
C CYS D 44 15.31 3.08 -28.70
N PRO D 45 16.55 3.16 -29.22
CA PRO D 45 16.70 3.41 -30.65
C PRO D 45 16.19 2.20 -31.43
N LYS D 46 15.60 2.45 -32.59
CA LYS D 46 15.04 1.37 -33.40
C LYS D 46 15.97 0.17 -33.59
N GLU D 47 17.23 0.44 -33.93
CA GLU D 47 18.22 -0.62 -34.17
C GLU D 47 18.43 -1.51 -32.95
N LEU D 48 18.51 -0.89 -31.78
CA LEU D 48 18.72 -1.64 -30.55
C LEU D 48 17.53 -2.56 -30.26
N ALA D 49 16.33 -2.03 -30.45
CA ALA D 49 15.13 -2.85 -30.22
C ALA D 49 15.13 -4.03 -31.18
N GLU D 50 15.59 -3.80 -32.41
CA GLU D 50 15.62 -4.89 -33.39
C GLU D 50 16.68 -5.93 -33.03
N GLU D 51 17.76 -5.50 -32.40
CA GLU D 51 18.80 -6.42 -31.98
C GLU D 51 18.26 -7.23 -30.79
N HIS D 52 17.59 -6.54 -29.87
CA HIS D 52 17.02 -7.20 -28.70
C HIS D 52 16.04 -8.30 -29.07
N TYR D 53 15.18 -8.03 -30.05
CA TYR D 53 14.18 -8.99 -30.51
C TYR D 53 14.63 -9.69 -31.79
N LYS D 54 15.94 -9.76 -31.98
CA LYS D 54 16.54 -10.38 -33.15
C LYS D 54 15.93 -11.71 -33.57
N ASP D 55 15.70 -12.59 -32.61
CA ASP D 55 15.13 -13.91 -32.88
C ASP D 55 13.71 -13.88 -33.44
N LEU D 56 13.04 -12.73 -33.32
CA LEU D 56 11.66 -12.59 -33.81
C LEU D 56 11.59 -11.74 -35.08
N SER D 57 12.74 -11.37 -35.63
CA SER D 57 12.81 -10.51 -36.81
C SER D 57 12.03 -10.97 -38.05
N ALA D 58 11.71 -12.26 -38.15
CA ALA D 58 10.98 -12.75 -39.32
C ALA D 58 9.48 -12.82 -39.09
N LYS D 59 9.05 -12.67 -37.84
CA LYS D 59 7.63 -12.75 -37.47
C LYS D 59 6.75 -11.62 -38.04
N SER D 60 5.48 -11.93 -38.30
CA SER D 60 4.57 -10.95 -38.87
C SER D 60 4.28 -9.79 -37.92
N PHE D 61 4.44 -10.04 -36.62
CA PHE D 61 4.19 -9.02 -35.62
C PHE D 61 5.42 -8.19 -35.29
N PHE D 62 6.57 -8.57 -35.85
CA PHE D 62 7.82 -7.87 -35.57
C PHE D 62 7.77 -6.36 -35.83
N PRO D 63 7.31 -5.93 -37.02
CA PRO D 63 7.26 -4.48 -37.27
C PRO D 63 6.48 -3.74 -36.20
N ASN D 64 5.32 -4.31 -35.83
CA ASN D 64 4.46 -3.70 -34.83
C ASN D 64 5.09 -3.69 -33.43
N LEU D 65 5.83 -4.75 -33.11
CA LEU D 65 6.49 -4.88 -31.81
C LEU D 65 7.60 -3.82 -31.67
N ILE D 66 8.37 -3.65 -32.75
CA ILE D 66 9.46 -2.67 -32.73
C ILE D 66 8.87 -1.27 -32.62
N GLU D 67 7.82 -1.02 -33.37
CA GLU D 67 7.15 0.28 -33.33
C GLU D 67 6.68 0.56 -31.91
N TYR D 68 6.10 -0.47 -31.28
CA TYR D 68 5.58 -0.34 -29.93
C TYR D 68 6.65 -0.12 -28.86
N ILE D 69 7.68 -0.96 -28.86
CA ILE D 69 8.73 -0.85 -27.84
C ILE D 69 9.50 0.47 -27.94
N THR D 70 9.36 1.17 -29.07
CA THR D 70 10.03 2.46 -29.28
C THR D 70 9.04 3.62 -29.26
N SER D 71 7.77 3.33 -28.92
CA SER D 71 6.72 4.34 -28.91
C SER D 71 6.74 5.27 -27.69
N GLY D 72 7.61 4.98 -26.74
CA GLY D 72 7.71 5.80 -25.55
C GLY D 72 8.91 5.33 -24.77
N PRO D 73 9.37 6.08 -23.78
CA PRO D 73 10.54 5.57 -23.06
C PRO D 73 10.25 4.32 -22.25
N VAL D 74 11.30 3.56 -21.98
CA VAL D 74 11.20 2.35 -21.17
C VAL D 74 12.11 2.61 -19.98
N VAL D 75 12.07 1.72 -19.00
CA VAL D 75 12.97 1.85 -17.87
C VAL D 75 13.78 0.57 -17.84
N CYS D 76 15.09 0.69 -18.05
CA CYS D 76 16.00 -0.45 -18.08
C CYS D 76 16.50 -0.73 -16.68
N MET D 77 16.60 -2.00 -16.33
CA MET D 77 17.07 -2.36 -15.00
C MET D 77 17.92 -3.62 -15.00
N ALA D 78 18.87 -3.65 -14.08
CA ALA D 78 19.74 -4.80 -13.90
C ALA D 78 19.60 -5.13 -12.42
N TRP D 79 19.19 -6.36 -12.12
CA TRP D 79 19.04 -6.81 -10.75
C TRP D 79 19.98 -7.97 -10.50
N GLU D 80 20.48 -8.06 -9.28
CA GLU D 80 21.43 -9.11 -8.91
C GLU D 80 20.92 -9.93 -7.73
N GLY D 81 21.26 -11.22 -7.72
CA GLY D 81 20.84 -12.07 -6.62
C GLY D 81 20.95 -13.53 -6.99
N VAL D 82 20.86 -14.40 -5.99
CA VAL D 82 20.94 -15.84 -6.25
C VAL D 82 19.58 -16.31 -6.73
N GLY D 83 19.55 -16.80 -7.96
CA GLY D 83 18.32 -17.29 -8.56
C GLY D 83 17.39 -16.16 -8.96
N VAL D 84 17.96 -14.96 -9.14
CA VAL D 84 17.16 -13.79 -9.50
C VAL D 84 16.51 -13.89 -10.88
N VAL D 85 17.13 -14.63 -11.79
CA VAL D 85 16.55 -14.76 -13.13
C VAL D 85 15.21 -15.48 -13.09
N ALA D 86 15.19 -16.68 -12.50
CA ALA D 86 13.94 -17.44 -12.41
C ALA D 86 12.95 -16.78 -11.45
N SER D 87 13.46 -16.18 -10.37
CA SER D 87 12.57 -15.53 -9.41
C SER D 87 11.85 -14.34 -10.06
N ALA D 88 12.58 -13.55 -10.83
CA ALA D 88 11.98 -12.40 -11.48
C ALA D 88 10.90 -12.86 -12.47
N ARG D 89 11.17 -13.96 -13.16
CA ARG D 89 10.19 -14.50 -14.11
C ARG D 89 8.92 -14.91 -13.40
N LYS D 90 9.07 -15.51 -12.21
CA LYS D 90 7.94 -15.94 -11.42
C LYS D 90 7.15 -14.73 -10.92
N LEU D 91 7.86 -13.73 -10.42
CA LEU D 91 7.22 -12.52 -9.91
C LEU D 91 6.47 -11.76 -10.98
N ILE D 92 6.92 -11.85 -12.23
CA ILE D 92 6.27 -11.14 -13.33
C ILE D 92 5.00 -11.85 -13.79
N GLY D 93 5.06 -13.18 -13.86
CA GLY D 93 3.87 -13.94 -14.27
C GLY D 93 3.83 -14.30 -15.74
N LYS D 94 2.83 -15.10 -16.11
CA LYS D 94 2.64 -15.55 -17.49
C LYS D 94 2.58 -14.42 -18.50
N THR D 95 2.95 -14.73 -19.74
CA THR D 95 2.96 -13.77 -20.83
C THR D 95 1.59 -13.09 -20.99
N ASP D 96 0.52 -13.87 -20.93
CA ASP D 96 -0.84 -13.35 -21.05
C ASP D 96 -1.32 -12.95 -19.64
N PRO D 97 -1.48 -11.64 -19.40
CA PRO D 97 -1.92 -11.12 -18.10
C PRO D 97 -3.24 -11.70 -17.58
N LEU D 98 -4.11 -12.12 -18.49
CA LEU D 98 -5.39 -12.69 -18.07
C LEU D 98 -5.15 -14.04 -17.41
N GLN D 99 -4.09 -14.71 -17.84
CA GLN D 99 -3.74 -16.03 -17.29
C GLN D 99 -2.75 -15.94 -16.15
N ALA D 100 -1.97 -14.87 -16.10
CA ALA D 100 -1.00 -14.69 -15.02
C ALA D 100 -1.77 -14.72 -13.70
N GLU D 101 -1.18 -15.33 -12.69
CA GLU D 101 -1.84 -15.48 -11.41
C GLU D 101 -1.82 -14.23 -10.53
N PRO D 102 -2.91 -14.01 -9.77
CA PRO D 102 -2.98 -12.84 -8.88
C PRO D 102 -1.75 -12.96 -7.97
N GLY D 103 -1.12 -11.83 -7.68
CA GLY D 103 0.08 -11.85 -6.85
C GLY D 103 1.27 -11.48 -7.73
N THR D 104 1.19 -11.84 -9.01
CA THR D 104 2.27 -11.51 -9.94
C THR D 104 2.01 -10.13 -10.51
N ILE D 105 3.05 -9.53 -11.08
CA ILE D 105 2.93 -8.19 -11.66
C ILE D 105 1.89 -8.16 -12.77
N ARG D 106 1.98 -9.09 -13.73
CA ARG D 106 1.02 -9.11 -14.83
C ARG D 106 -0.35 -9.56 -14.36
N GLY D 107 -0.39 -10.50 -13.43
CA GLY D 107 -1.66 -10.98 -12.92
C GLY D 107 -2.41 -9.90 -12.17
N ASP D 108 -1.68 -9.01 -11.49
CA ASP D 108 -2.29 -7.93 -10.72
C ASP D 108 -2.54 -6.64 -11.48
N LEU D 109 -1.68 -6.35 -12.45
CA LEU D 109 -1.73 -5.08 -13.14
C LEU D 109 -1.91 -4.96 -14.65
N ALA D 110 -2.13 -6.05 -15.37
CA ALA D 110 -2.30 -5.96 -16.81
C ALA D 110 -3.45 -6.83 -17.32
N VAL D 111 -3.88 -6.59 -18.54
CA VAL D 111 -4.98 -7.35 -19.10
C VAL D 111 -4.74 -7.94 -20.49
N GLN D 112 -3.65 -7.56 -21.15
CA GLN D 112 -3.41 -8.09 -22.49
C GLN D 112 -1.94 -8.35 -22.80
N THR D 113 -1.69 -9.42 -23.54
CA THR D 113 -0.33 -9.81 -23.89
C THR D 113 0.51 -8.70 -24.50
N GLY D 114 -0.05 -8.00 -25.48
CA GLY D 114 0.66 -6.93 -26.15
C GLY D 114 1.01 -5.74 -25.28
N ARG D 115 0.37 -5.65 -24.12
CA ARG D 115 0.63 -4.57 -23.19
C ARG D 115 0.82 -5.21 -21.82
N ASN D 116 1.87 -6.02 -21.67
CA ASN D 116 2.09 -6.69 -20.40
C ASN D 116 3.12 -6.09 -19.44
N ILE D 117 3.26 -4.76 -19.52
CA ILE D 117 4.10 -3.95 -18.63
C ILE D 117 5.60 -4.14 -18.42
N VAL D 118 6.03 -5.38 -18.25
CA VAL D 118 7.43 -5.63 -17.95
C VAL D 118 7.99 -6.92 -18.52
N HIS D 119 9.30 -6.95 -18.72
CA HIS D 119 10.01 -8.11 -19.25
C HIS D 119 11.14 -8.51 -18.31
N GLY D 120 11.38 -9.81 -18.20
CA GLY D 120 12.46 -10.31 -17.37
C GLY D 120 13.21 -11.32 -18.22
N SER D 121 14.54 -11.35 -18.12
CA SER D 121 15.33 -12.30 -18.90
C SER D 121 14.83 -13.71 -18.61
N ASP D 122 14.71 -14.54 -19.64
CA ASP D 122 14.20 -15.90 -19.44
C ASP D 122 15.27 -16.93 -19.06
N SER D 123 16.53 -16.50 -19.03
CA SER D 123 17.61 -17.41 -18.66
C SER D 123 18.84 -16.58 -18.26
N PRO D 124 19.76 -17.17 -17.48
CA PRO D 124 20.93 -16.39 -17.10
C PRO D 124 21.74 -15.97 -18.33
N GLU D 125 21.75 -16.82 -19.36
CA GLU D 125 22.49 -16.48 -20.57
C GLU D 125 21.89 -15.22 -21.18
N ASN D 126 20.56 -15.14 -21.23
CA ASN D 126 19.91 -13.97 -21.77
C ASN D 126 20.01 -12.77 -20.84
N GLY D 127 20.22 -13.03 -19.56
CA GLY D 127 20.38 -11.93 -18.62
C GLY D 127 21.69 -11.22 -18.93
N LYS D 128 22.72 -12.00 -19.20
CA LYS D 128 24.03 -11.44 -19.52
C LYS D 128 23.96 -10.72 -20.87
N ARG D 129 23.35 -11.36 -21.85
CA ARG D 129 23.23 -10.78 -23.18
C ARG D 129 22.43 -9.48 -23.16
N GLU D 130 21.28 -9.51 -22.48
CA GLU D 130 20.44 -8.32 -22.40
C GLU D 130 21.07 -7.19 -21.61
N ILE D 131 21.70 -7.49 -20.49
CA ILE D 131 22.34 -6.43 -19.73
C ILE D 131 23.47 -5.83 -20.58
N GLY D 132 24.19 -6.69 -21.30
CA GLY D 132 25.28 -6.21 -22.13
C GLY D 132 24.83 -5.35 -23.29
N LEU D 133 23.61 -5.61 -23.77
CA LEU D 133 23.06 -4.87 -24.90
C LEU D 133 22.41 -3.54 -24.52
N TRP D 134 21.58 -3.56 -23.48
CA TRP D 134 20.88 -2.35 -23.04
C TRP D 134 21.71 -1.40 -22.20
N PHE D 135 22.66 -1.94 -21.44
CA PHE D 135 23.51 -1.10 -20.61
C PHE D 135 24.92 -0.90 -21.13
N LYS D 136 25.46 0.29 -20.89
CA LYS D 136 26.82 0.59 -21.28
C LYS D 136 27.66 0.10 -20.10
N GLU D 137 28.77 -0.57 -20.41
CA GLU D 137 29.66 -1.12 -19.40
C GLU D 137 29.69 -0.38 -18.05
N GLY D 138 30.03 0.91 -18.09
CA GLY D 138 30.13 1.69 -16.87
C GLY D 138 28.84 2.18 -16.21
N GLU D 139 27.69 1.76 -16.72
CA GLU D 139 26.42 2.19 -16.14
C GLU D 139 26.01 1.35 -14.94
N LEU D 140 26.53 0.14 -14.85
CA LEU D 140 26.20 -0.72 -13.72
C LEU D 140 26.91 -0.21 -12.48
N CYS D 141 26.23 -0.31 -11.33
CA CYS D 141 26.78 0.16 -10.06
C CYS D 141 26.75 -0.96 -9.03
N LYS D 142 27.91 -1.54 -8.75
CA LYS D 142 27.97 -2.60 -7.76
C LYS D 142 28.11 -1.97 -6.37
N TRP D 143 27.51 -2.62 -5.37
CA TRP D 143 27.58 -2.11 -4.00
C TRP D 143 27.33 -3.23 -3.01
N ASP D 144 27.75 -3.02 -1.77
CA ASP D 144 27.54 -4.00 -0.72
C ASP D 144 26.37 -3.58 0.15
N SER D 145 25.35 -4.44 0.17
CA SER D 145 24.14 -4.17 0.94
C SER D 145 24.33 -4.43 2.43
N ALA D 146 23.91 -3.46 3.24
CA ALA D 146 24.04 -3.57 4.69
C ALA D 146 23.24 -4.75 5.24
N LEU D 147 22.19 -5.14 4.51
CA LEU D 147 21.34 -6.24 4.94
C LEU D 147 21.74 -7.59 4.37
N ALA D 148 22.87 -7.65 3.69
CA ALA D 148 23.34 -8.89 3.07
C ALA D 148 23.26 -10.11 3.98
N THR D 149 23.76 -9.99 5.21
CA THR D 149 23.76 -11.10 6.15
C THR D 149 22.38 -11.49 6.64
N TRP D 150 21.37 -10.71 6.26
CA TRP D 150 20.00 -11.00 6.67
C TRP D 150 19.12 -11.48 5.51
N LEU D 151 19.67 -11.47 4.30
CA LEU D 151 18.93 -11.95 3.15
C LEU D 151 19.38 -13.34 2.73
N ARG D 152 20.64 -13.65 3.01
CA ARG D 152 21.18 -14.96 2.69
C ARG D 152 22.05 -15.43 3.84
N GLU D 153 22.12 -16.74 4.03
CA GLU D 153 22.93 -17.32 5.11
C GLU D 153 24.41 -17.23 4.75
N VAL E 5 -11.53 -23.36 19.71
CA VAL E 5 -11.21 -22.92 18.35
C VAL E 5 -9.73 -23.17 18.04
N GLU E 6 -9.46 -23.60 16.82
CA GLU E 6 -8.10 -23.88 16.39
C GLU E 6 -7.17 -22.68 16.55
N GLU E 7 -5.95 -22.96 17.01
CA GLU E 7 -4.93 -21.92 17.22
C GLU E 7 -3.63 -22.37 16.55
N THR E 8 -2.81 -21.42 16.12
CA THR E 8 -1.54 -21.76 15.50
C THR E 8 -0.45 -20.80 15.95
N TYR E 9 0.80 -21.27 15.91
CA TYR E 9 1.93 -20.46 16.29
C TYR E 9 2.62 -19.87 15.07
N ILE E 10 2.76 -18.55 15.04
CA ILE E 10 3.43 -17.87 13.93
C ILE E 10 4.55 -17.04 14.52
N MET E 11 5.74 -17.12 13.94
CA MET E 11 6.87 -16.38 14.46
C MET E 11 7.67 -15.68 13.38
N VAL E 12 7.90 -14.38 13.58
CA VAL E 12 8.72 -13.63 12.64
C VAL E 12 10.14 -13.94 13.09
N LYS E 13 10.97 -14.42 12.18
CA LYS E 13 12.35 -14.77 12.50
C LYS E 13 13.24 -13.53 12.61
N PRO E 14 14.45 -13.68 13.19
CA PRO E 14 15.37 -12.55 13.35
C PRO E 14 15.54 -11.69 12.10
N ASP E 15 15.59 -12.31 10.92
CA ASP E 15 15.77 -11.55 9.69
C ASP E 15 14.54 -10.69 9.38
N GLY E 16 13.37 -11.11 9.86
CA GLY E 16 12.16 -10.33 9.64
C GLY E 16 12.21 -9.05 10.44
N ILE E 17 12.73 -9.14 11.67
CA ILE E 17 12.86 -7.98 12.54
C ILE E 17 13.89 -7.01 11.96
N GLN E 18 15.03 -7.54 11.56
CA GLN E 18 16.12 -6.73 10.99
C GLN E 18 15.72 -6.02 9.70
N ARG E 19 14.83 -6.65 8.93
CA ARG E 19 14.40 -6.05 7.67
C ARG E 19 13.14 -5.20 7.82
N GLY E 20 12.67 -5.06 9.06
CA GLY E 20 11.49 -4.26 9.35
C GLY E 20 10.18 -4.75 8.75
N LEU E 21 9.94 -6.05 8.85
CA LEU E 21 8.74 -6.67 8.31
C LEU E 21 7.72 -7.12 9.35
N VAL E 22 7.95 -6.78 10.61
CA VAL E 22 7.04 -7.18 11.67
C VAL E 22 5.61 -6.72 11.42
N GLY E 23 5.43 -5.42 11.24
CA GLY E 23 4.10 -4.89 10.99
C GLY E 23 3.45 -5.47 9.75
N GLU E 24 4.21 -5.56 8.66
CA GLU E 24 3.69 -6.08 7.42
C GLU E 24 3.17 -7.50 7.57
N ILE E 25 3.92 -8.35 8.28
CA ILE E 25 3.50 -9.73 8.47
C ILE E 25 2.24 -9.79 9.34
N ILE E 26 2.22 -9.03 10.43
CA ILE E 26 1.04 -9.03 11.28
C ILE E 26 -0.20 -8.60 10.48
N SER E 27 -0.05 -7.54 9.69
CA SER E 27 -1.17 -7.04 8.89
C SER E 27 -1.75 -8.10 7.97
N ARG E 28 -0.88 -8.94 7.41
CA ARG E 28 -1.36 -9.97 6.50
C ARG E 28 -2.38 -10.88 7.18
N PHE E 29 -2.10 -11.26 8.41
CA PHE E 29 -3.02 -12.13 9.14
C PHE E 29 -4.19 -11.37 9.69
N GLU E 30 -3.97 -10.11 10.06
CA GLU E 30 -5.05 -9.28 10.56
C GLU E 30 -6.07 -9.08 9.44
N LYS E 31 -5.58 -8.69 8.27
CA LYS E 31 -6.44 -8.47 7.10
C LYS E 31 -7.17 -9.71 6.63
N LYS E 32 -6.52 -10.87 6.79
CA LYS E 32 -7.09 -12.15 6.39
C LYS E 32 -8.36 -12.42 7.20
N GLY E 33 -8.36 -12.00 8.46
CA GLY E 33 -9.54 -12.20 9.28
C GLY E 33 -9.36 -13.07 10.52
N PHE E 34 -8.12 -13.47 10.82
CA PHE E 34 -7.88 -14.29 12.00
C PHE E 34 -7.71 -13.43 13.23
N LYS E 35 -7.87 -14.03 14.41
CA LYS E 35 -7.75 -13.30 15.67
C LYS E 35 -6.42 -13.46 16.37
N LEU E 36 -5.75 -12.34 16.62
CA LEU E 36 -4.47 -12.33 17.30
C LEU E 36 -4.76 -12.47 18.79
N ILE E 37 -4.26 -13.55 19.40
CA ILE E 37 -4.49 -13.79 20.82
C ILE E 37 -3.20 -13.86 21.63
N GLY E 38 -2.06 -13.74 20.95
CA GLY E 38 -0.78 -13.78 21.63
C GLY E 38 0.27 -13.07 20.80
N LEU E 39 1.07 -12.22 21.44
CA LEU E 39 2.12 -11.47 20.73
C LEU E 39 3.22 -10.98 21.65
N LYS E 40 4.47 -11.10 21.21
CA LYS E 40 5.59 -10.62 22.00
C LYS E 40 6.93 -10.68 21.27
N MET E 41 7.74 -9.65 21.46
CA MET E 41 9.08 -9.64 20.88
C MET E 41 9.83 -10.46 21.92
N PHE E 42 10.69 -11.37 21.48
CA PHE E 42 11.37 -12.24 22.41
C PHE E 42 12.77 -12.64 21.95
N GLN E 43 13.70 -12.74 22.89
CA GLN E 43 15.06 -13.17 22.58
C GLN E 43 15.11 -14.63 23.00
N CYS E 44 15.12 -15.51 22.01
CA CYS E 44 15.10 -16.95 22.26
C CYS E 44 16.42 -17.56 22.78
N PRO E 45 16.36 -18.19 23.95
CA PRO E 45 17.55 -18.82 24.53
C PRO E 45 17.89 -20.08 23.76
N LYS E 46 19.18 -20.45 23.75
CA LYS E 46 19.63 -21.64 23.03
C LYS E 46 18.82 -22.89 23.33
N GLU E 47 18.65 -23.20 24.61
CA GLU E 47 17.91 -24.39 25.03
C GLU E 47 16.48 -24.44 24.50
N LEU E 48 15.79 -23.30 24.48
CA LEU E 48 14.42 -23.26 23.99
C LEU E 48 14.37 -23.48 22.49
N ALA E 49 15.38 -22.97 21.80
CA ALA E 49 15.48 -23.12 20.35
C ALA E 49 15.63 -24.60 20.00
N GLU E 50 16.56 -25.26 20.69
CA GLU E 50 16.82 -26.68 20.48
C GLU E 50 15.57 -27.49 20.80
N GLU E 51 14.78 -26.98 21.73
CA GLU E 51 13.54 -27.63 22.13
C GLU E 51 12.56 -27.53 20.96
N HIS E 52 12.44 -26.32 20.42
CA HIS E 52 11.55 -26.06 19.29
C HIS E 52 11.88 -26.96 18.11
N TYR E 53 13.18 -27.12 17.85
CA TYR E 53 13.63 -27.97 16.75
C TYR E 53 14.08 -29.32 17.31
N LYS E 54 13.27 -29.84 18.23
CA LYS E 54 13.52 -31.11 18.90
C LYS E 54 13.82 -32.26 17.93
N ASP E 55 12.86 -32.55 17.06
CA ASP E 55 12.98 -33.64 16.09
C ASP E 55 14.09 -33.49 15.05
N LEU E 56 14.76 -32.34 15.01
CA LEU E 56 15.83 -32.13 14.05
C LEU E 56 17.21 -32.05 14.69
N SER E 57 17.28 -32.43 15.96
CA SER E 57 18.53 -32.39 16.71
C SER E 57 19.63 -33.26 16.09
N ALA E 58 19.23 -34.25 15.29
CA ALA E 58 20.20 -35.15 14.66
C ALA E 58 20.60 -34.66 13.27
N LYS E 59 19.94 -33.60 12.81
CA LYS E 59 20.21 -33.04 11.49
C LYS E 59 21.55 -32.32 11.44
N SER E 60 22.14 -32.29 10.25
CA SER E 60 23.43 -31.63 10.03
C SER E 60 23.32 -30.12 10.17
N PHE E 61 22.18 -29.57 9.77
CA PHE E 61 21.94 -28.14 9.84
C PHE E 61 21.35 -27.67 11.17
N PHE E 62 21.22 -28.59 12.12
CA PHE E 62 20.67 -28.26 13.44
C PHE E 62 21.37 -27.08 14.10
N PRO E 63 22.71 -27.12 14.21
CA PRO E 63 23.44 -26.02 14.85
C PRO E 63 23.27 -24.67 14.14
N ASN E 64 23.15 -24.70 12.82
CA ASN E 64 22.97 -23.46 12.05
C ASN E 64 21.57 -22.93 12.33
N LEU E 65 20.61 -23.85 12.35
CA LEU E 65 19.22 -23.52 12.60
C LEU E 65 19.08 -22.84 13.97
N ILE E 66 19.85 -23.31 14.94
CA ILE E 66 19.82 -22.76 16.29
C ILE E 66 20.43 -21.37 16.37
N GLU E 67 21.58 -21.18 15.71
CA GLU E 67 22.23 -19.87 15.74
C GLU E 67 21.33 -18.83 15.08
N TYR E 68 20.76 -19.20 13.94
CA TYR E 68 19.88 -18.32 13.18
C TYR E 68 18.71 -17.75 13.97
N ILE E 69 17.95 -18.61 14.64
CA ILE E 69 16.80 -18.13 15.40
C ILE E 69 17.18 -17.42 16.69
N THR E 70 18.45 -17.50 17.07
CA THR E 70 18.93 -16.85 18.28
C THR E 70 19.86 -15.68 17.94
N SER E 71 20.02 -15.42 16.64
CA SER E 71 20.90 -14.35 16.17
C SER E 71 20.31 -12.96 16.38
N GLY E 72 19.08 -12.92 16.85
CA GLY E 72 18.42 -11.65 17.09
C GLY E 72 17.04 -11.89 17.66
N PRO E 73 16.35 -10.83 18.10
CA PRO E 73 15.01 -11.04 18.66
C PRO E 73 14.01 -11.51 17.60
N VAL E 74 12.99 -12.22 18.05
CA VAL E 74 11.94 -12.72 17.18
C VAL E 74 10.63 -12.20 17.72
N VAL E 75 9.56 -12.29 16.93
CA VAL E 75 8.25 -11.86 17.39
C VAL E 75 7.36 -13.09 17.38
N CYS E 76 6.99 -13.54 18.57
CA CYS E 76 6.15 -14.72 18.76
C CYS E 76 4.68 -14.31 18.65
N MET E 77 3.89 -15.13 17.98
CA MET E 77 2.48 -14.83 17.82
C MET E 77 1.62 -16.09 17.92
N ALA E 78 0.39 -15.91 18.40
CA ALA E 78 -0.56 -16.99 18.51
C ALA E 78 -1.81 -16.47 17.81
N TRP E 79 -2.27 -17.18 16.79
CA TRP E 79 -3.47 -16.77 16.06
C TRP E 79 -4.56 -17.81 16.19
N GLU E 80 -5.80 -17.32 16.29
CA GLU E 80 -6.97 -18.18 16.45
C GLU E 80 -7.93 -18.08 15.27
N GLY E 81 -8.51 -19.22 14.91
CA GLY E 81 -9.47 -19.24 13.81
C GLY E 81 -9.66 -20.62 13.23
N VAL E 82 -10.83 -20.86 12.65
CA VAL E 82 -11.14 -22.14 12.03
C VAL E 82 -10.21 -22.33 10.84
N GLY E 83 -9.46 -23.44 10.84
CA GLY E 83 -8.54 -23.72 9.75
C GLY E 83 -7.37 -22.76 9.69
N VAL E 84 -7.08 -22.08 10.80
CA VAL E 84 -5.99 -21.12 10.82
C VAL E 84 -4.61 -21.74 10.59
N VAL E 85 -4.41 -22.98 11.03
CA VAL E 85 -3.12 -23.62 10.85
C VAL E 85 -2.75 -23.76 9.38
N ALA E 86 -3.61 -24.45 8.62
CA ALA E 86 -3.36 -24.67 7.20
C ALA E 86 -3.37 -23.37 6.42
N SER E 87 -4.26 -22.46 6.79
CA SER E 87 -4.34 -21.17 6.10
C SER E 87 -3.06 -20.37 6.31
N ALA E 88 -2.55 -20.36 7.54
CA ALA E 88 -1.32 -19.63 7.83
C ALA E 88 -0.19 -20.18 6.99
N ARG E 89 -0.15 -21.50 6.83
CA ARG E 89 0.89 -22.13 6.03
C ARG E 89 0.77 -21.69 4.57
N LYS E 90 -0.45 -21.60 4.06
CA LYS E 90 -0.66 -21.18 2.67
C LYS E 90 -0.21 -19.72 2.51
N LEU E 91 -0.60 -18.86 3.45
CA LEU E 91 -0.22 -17.46 3.38
C LEU E 91 1.30 -17.26 3.44
N ILE E 92 1.98 -18.10 4.21
CA ILE E 92 3.44 -18.01 4.34
C ILE E 92 4.18 -18.46 3.08
N GLY E 93 3.72 -19.56 2.47
CA GLY E 93 4.35 -20.05 1.26
C GLY E 93 5.40 -21.13 1.44
N LYS E 94 5.90 -21.65 0.32
CA LYS E 94 6.93 -22.70 0.30
C LYS E 94 8.11 -22.36 1.19
N THR E 95 8.80 -23.38 1.68
CA THR E 95 9.97 -23.19 2.54
C THR E 95 11.04 -22.33 1.86
N ASP E 96 11.29 -22.58 0.58
CA ASP E 96 12.27 -21.83 -0.19
C ASP E 96 11.58 -20.63 -0.82
N PRO E 97 11.91 -19.40 -0.37
CA PRO E 97 11.30 -18.18 -0.90
C PRO E 97 11.33 -18.03 -2.42
N LEU E 98 12.34 -18.62 -3.06
CA LEU E 98 12.45 -18.55 -4.50
C LEU E 98 11.32 -19.34 -5.16
N GLN E 99 10.91 -20.42 -4.49
CA GLN E 99 9.85 -21.28 -5.00
C GLN E 99 8.46 -20.87 -4.52
N ALA E 100 8.40 -20.18 -3.38
CA ALA E 100 7.12 -19.73 -2.84
C ALA E 100 6.48 -18.83 -3.88
N GLU E 101 5.16 -18.94 -4.03
CA GLU E 101 4.43 -18.16 -5.03
C GLU E 101 4.21 -16.70 -4.69
N PRO E 102 4.21 -15.83 -5.70
CA PRO E 102 3.99 -14.40 -5.47
C PRO E 102 2.63 -14.31 -4.80
N GLY E 103 2.50 -13.44 -3.80
CA GLY E 103 1.25 -13.32 -3.08
C GLY E 103 1.42 -13.86 -1.67
N THR E 104 2.33 -14.82 -1.51
CA THR E 104 2.60 -15.39 -0.19
C THR E 104 3.67 -14.52 0.47
N ILE E 105 3.82 -14.65 1.78
CA ILE E 105 4.80 -13.85 2.51
C ILE E 105 6.23 -14.11 2.02
N ARG E 106 6.63 -15.37 1.95
CA ARG E 106 7.99 -15.67 1.49
C ARG E 106 8.15 -15.41 -0.01
N GLY E 107 7.10 -15.66 -0.77
CA GLY E 107 7.17 -15.43 -2.21
C GLY E 107 7.31 -13.96 -2.56
N ASP E 108 6.76 -13.09 -1.73
CA ASP E 108 6.82 -11.65 -1.96
C ASP E 108 7.99 -10.94 -1.26
N LEU E 109 8.39 -11.47 -0.12
CA LEU E 109 9.40 -10.79 0.70
C LEU E 109 10.72 -11.44 1.09
N ALA E 110 11.06 -12.59 0.53
CA ALA E 110 12.32 -13.23 0.91
C ALA E 110 12.98 -13.90 -0.30
N VAL E 111 14.26 -14.24 -0.16
CA VAL E 111 14.99 -14.86 -1.26
C VAL E 111 15.74 -16.15 -0.96
N GLN E 112 15.81 -16.56 0.31
CA GLN E 112 16.54 -17.79 0.62
C GLN E 112 15.97 -18.59 1.80
N THR E 113 16.06 -19.91 1.69
CA THR E 113 15.56 -20.80 2.72
C THR E 113 16.15 -20.48 4.10
N GLY E 114 17.46 -20.19 4.14
CA GLY E 114 18.14 -19.88 5.38
C GLY E 114 17.77 -18.55 6.01
N ARG E 115 16.99 -17.76 5.27
CA ARG E 115 16.53 -16.47 5.74
C ARG E 115 15.11 -16.30 5.19
N ASN E 116 14.20 -17.19 5.60
CA ASN E 116 12.84 -17.12 5.09
C ASN E 116 11.82 -16.41 5.97
N ILE E 117 12.33 -15.41 6.70
CA ILE E 117 11.60 -14.49 7.57
C ILE E 117 10.46 -14.88 8.51
N VAL E 118 9.78 -15.99 8.27
CA VAL E 118 8.65 -16.34 9.13
C VAL E 118 8.41 -17.85 9.24
N HIS E 119 7.73 -18.23 10.33
CA HIS E 119 7.41 -19.63 10.61
C HIS E 119 5.94 -19.77 11.03
N GLY E 120 5.35 -20.91 10.64
CA GLY E 120 3.98 -21.20 11.01
C GLY E 120 3.87 -22.68 11.36
N SER E 121 3.14 -23.01 12.42
CA SER E 121 2.98 -24.41 12.81
C SER E 121 2.52 -25.22 11.61
N ASP E 122 3.02 -26.46 11.47
CA ASP E 122 2.64 -27.29 10.34
C ASP E 122 1.48 -28.23 10.61
N SER E 123 0.91 -28.15 11.81
CA SER E 123 -0.22 -29.00 12.18
C SER E 123 -0.85 -28.49 13.46
N PRO E 124 -2.16 -28.77 13.67
CA PRO E 124 -2.84 -28.32 14.87
C PRO E 124 -2.14 -28.82 16.13
N GLU E 125 -1.54 -30.00 16.03
CA GLU E 125 -0.81 -30.60 17.14
C GLU E 125 0.42 -29.75 17.45
N ASN E 126 1.21 -29.45 16.43
CA ASN E 126 2.39 -28.62 16.62
C ASN E 126 2.02 -27.19 16.95
N GLY E 127 0.79 -26.81 16.66
CA GLY E 127 0.33 -25.47 16.97
C GLY E 127 0.19 -25.35 18.48
N LYS E 128 -0.48 -26.32 19.08
CA LYS E 128 -0.68 -26.35 20.52
C LYS E 128 0.67 -26.52 21.21
N ARG E 129 1.50 -27.40 20.65
CA ARG E 129 2.81 -27.65 21.22
C ARG E 129 3.68 -26.40 21.22
N GLU E 130 3.79 -25.77 20.06
CA GLU E 130 4.60 -24.56 19.91
C GLU E 130 4.11 -23.38 20.74
N ILE E 131 2.80 -23.18 20.81
CA ILE E 131 2.28 -22.08 21.61
C ILE E 131 2.59 -22.37 23.08
N GLY E 132 2.53 -23.65 23.46
CA GLY E 132 2.81 -24.01 24.83
C GLY E 132 4.27 -23.86 25.19
N LEU E 133 5.14 -23.94 24.18
CA LEU E 133 6.58 -23.82 24.39
C LEU E 133 7.07 -22.38 24.44
N TRP E 134 6.60 -21.55 23.51
CA TRP E 134 7.04 -20.15 23.44
C TRP E 134 6.30 -19.16 24.34
N PHE E 135 5.02 -19.42 24.63
CA PHE E 135 4.26 -18.52 25.49
C PHE E 135 4.10 -19.07 26.90
N LYS E 136 4.24 -18.19 27.90
CA LYS E 136 4.11 -18.59 29.30
C LYS E 136 2.68 -18.38 29.78
N GLU E 137 2.38 -18.88 30.97
CA GLU E 137 1.05 -18.74 31.55
C GLU E 137 0.62 -17.29 31.63
N GLY E 138 -0.61 -17.01 31.21
CA GLY E 138 -1.13 -15.66 31.26
C GLY E 138 -0.70 -14.71 30.17
N GLU E 139 0.15 -15.15 29.25
CA GLU E 139 0.59 -14.27 28.18
C GLU E 139 -0.42 -14.18 27.04
N LEU E 140 -1.27 -15.20 26.91
CA LEU E 140 -2.28 -15.19 25.86
C LEU E 140 -3.48 -14.36 26.30
N CYS E 141 -4.10 -13.67 25.35
CA CYS E 141 -5.26 -12.82 25.67
C CYS E 141 -6.48 -13.22 24.86
N LYS E 142 -7.58 -13.51 25.54
CA LYS E 142 -8.79 -13.86 24.83
C LYS E 142 -9.71 -12.65 24.78
N TRP E 143 -10.46 -12.53 23.69
CA TRP E 143 -11.38 -11.42 23.51
C TRP E 143 -12.44 -11.73 22.46
N ASP E 144 -13.53 -10.96 22.47
CA ASP E 144 -14.60 -11.16 21.51
C ASP E 144 -14.49 -10.11 20.42
N SER E 145 -14.23 -10.57 19.20
CA SER E 145 -14.08 -9.67 18.06
C SER E 145 -15.42 -9.09 17.60
N ALA E 146 -15.47 -7.77 17.49
CA ALA E 146 -16.67 -7.07 17.07
C ALA E 146 -17.15 -7.49 15.68
N LEU E 147 -16.22 -7.82 14.80
CA LEU E 147 -16.57 -8.23 13.43
C LEU E 147 -16.74 -9.74 13.26
N ALA E 148 -16.81 -10.47 14.37
CA ALA E 148 -16.95 -11.92 14.31
C ALA E 148 -18.06 -12.43 13.41
N THR E 149 -19.24 -11.81 13.50
CA THR E 149 -20.37 -12.24 12.68
C THR E 149 -20.20 -11.92 11.20
N TRP E 150 -19.22 -11.08 10.88
CA TRP E 150 -18.98 -10.71 9.50
C TRP E 150 -17.77 -11.44 8.90
N LEU E 151 -17.13 -12.26 9.73
CA LEU E 151 -15.99 -13.06 9.27
C LEU E 151 -16.42 -14.52 9.19
N ARG E 152 -17.45 -14.88 9.97
CA ARG E 152 -17.95 -16.26 9.98
C ARG E 152 -19.47 -16.32 10.15
N GLU E 153 -20.11 -17.21 9.40
CA GLU E 153 -21.57 -17.36 9.49
C GLU E 153 -21.93 -17.67 10.93
N SER F 1 -7.08 -15.79 -32.07
CA SER F 1 -8.13 -14.91 -32.59
C SER F 1 -8.45 -13.79 -31.60
N MET F 2 -9.09 -12.73 -32.08
CA MET F 2 -9.45 -11.59 -31.25
C MET F 2 -10.85 -11.75 -30.66
N GLU F 3 -10.94 -11.53 -29.35
CA GLU F 3 -12.22 -11.65 -28.66
C GLU F 3 -12.82 -10.27 -28.38
N ASP F 4 -14.14 -10.23 -28.24
CA ASP F 4 -14.84 -8.97 -28.00
C ASP F 4 -14.75 -8.49 -26.56
N VAL F 5 -15.05 -7.21 -26.36
CA VAL F 5 -15.07 -6.63 -25.04
C VAL F 5 -16.23 -7.33 -24.35
N GLU F 6 -16.01 -7.64 -23.07
CA GLU F 6 -16.96 -8.39 -22.25
C GLU F 6 -17.38 -7.55 -21.04
N GLU F 7 -18.48 -7.94 -20.40
CA GLU F 7 -18.95 -7.22 -19.21
C GLU F 7 -19.30 -8.22 -18.10
N THR F 8 -18.96 -7.85 -16.86
CA THR F 8 -19.29 -8.75 -15.75
C THR F 8 -19.83 -7.98 -14.56
N TYR F 9 -20.63 -8.67 -13.75
CA TYR F 9 -21.19 -8.07 -12.55
C TYR F 9 -20.35 -8.51 -11.36
N ILE F 10 -19.87 -7.54 -10.59
CA ILE F 10 -19.09 -7.84 -9.40
C ILE F 10 -19.81 -7.15 -8.25
N MET F 11 -20.05 -7.89 -7.18
CA MET F 11 -20.76 -7.36 -6.02
C MET F 11 -20.03 -7.56 -4.70
N VAL F 12 -19.95 -6.49 -3.93
CA VAL F 12 -19.36 -6.55 -2.60
C VAL F 12 -20.53 -6.89 -1.69
N LYS F 13 -20.50 -8.09 -1.12
CA LYS F 13 -21.56 -8.56 -0.23
C LYS F 13 -21.59 -7.75 1.06
N PRO F 14 -22.66 -7.88 1.87
CA PRO F 14 -22.77 -7.13 3.12
C PRO F 14 -21.54 -7.16 4.02
N ASP F 15 -20.85 -8.29 4.11
CA ASP F 15 -19.68 -8.35 4.96
C ASP F 15 -18.54 -7.44 4.49
N GLY F 16 -18.48 -7.20 3.18
CA GLY F 16 -17.44 -6.34 2.64
C GLY F 16 -17.65 -4.89 3.06
N ILE F 17 -18.90 -4.45 3.11
CA ILE F 17 -19.21 -3.08 3.52
C ILE F 17 -18.90 -2.95 5.02
N GLN F 18 -19.35 -3.92 5.81
CA GLN F 18 -19.13 -3.92 7.25
C GLN F 18 -17.65 -3.88 7.62
N ARG F 19 -16.83 -4.54 6.80
CA ARG F 19 -15.39 -4.57 7.05
C ARG F 19 -14.60 -3.45 6.40
N GLY F 20 -15.30 -2.57 5.69
CA GLY F 20 -14.67 -1.44 5.03
C GLY F 20 -13.68 -1.82 3.95
N LEU F 21 -14.10 -2.76 3.10
CA LEU F 21 -13.25 -3.24 2.02
C LEU F 21 -13.73 -2.77 0.64
N VAL F 22 -14.74 -1.90 0.61
CA VAL F 22 -15.28 -1.42 -0.67
C VAL F 22 -14.21 -0.78 -1.56
N GLY F 23 -13.46 0.16 -1.02
CA GLY F 23 -12.43 0.82 -1.81
C GLY F 23 -11.34 -0.14 -2.27
N GLU F 24 -10.90 -0.99 -1.35
CA GLU F 24 -9.86 -1.97 -1.64
C GLU F 24 -10.23 -2.89 -2.80
N ILE F 25 -11.47 -3.37 -2.81
CA ILE F 25 -11.92 -4.26 -3.86
C ILE F 25 -11.99 -3.53 -5.20
N ILE F 26 -12.51 -2.31 -5.19
CA ILE F 26 -12.59 -1.53 -6.41
C ILE F 26 -11.19 -1.30 -6.98
N SER F 27 -10.24 -0.96 -6.11
CA SER F 27 -8.87 -0.71 -6.54
C SER F 27 -8.21 -1.92 -7.20
N ARG F 28 -8.52 -3.12 -6.74
CA ARG F 28 -7.93 -4.31 -7.34
C ARG F 28 -8.28 -4.39 -8.81
N PHE F 29 -9.54 -4.11 -9.13
CA PHE F 29 -9.98 -4.16 -10.52
C PHE F 29 -9.53 -2.93 -11.30
N GLU F 30 -9.50 -1.77 -10.67
CA GLU F 30 -9.03 -0.56 -11.35
C GLU F 30 -7.57 -0.75 -11.73
N LYS F 31 -6.77 -1.20 -10.75
CA LYS F 31 -5.34 -1.42 -10.96
C LYS F 31 -5.07 -2.46 -12.03
N LYS F 32 -5.94 -3.47 -12.10
CA LYS F 32 -5.80 -4.55 -13.08
C LYS F 32 -5.88 -3.97 -14.50
N GLY F 33 -6.69 -2.93 -14.66
CA GLY F 33 -6.82 -2.29 -15.96
C GLY F 33 -8.18 -2.42 -16.63
N PHE F 34 -9.18 -2.89 -15.90
CA PHE F 34 -10.52 -3.03 -16.46
C PHE F 34 -11.27 -1.73 -16.30
N LYS F 35 -12.36 -1.56 -17.06
CA LYS F 35 -13.13 -0.33 -17.01
C LYS F 35 -14.40 -0.42 -16.17
N LEU F 36 -14.53 0.50 -15.21
CA LEU F 36 -15.69 0.53 -14.35
C LEU F 36 -16.78 1.31 -15.08
N ILE F 37 -17.93 0.68 -15.30
CA ILE F 37 -19.02 1.35 -16.01
C ILE F 37 -20.32 1.38 -15.20
N GLY F 38 -20.27 0.83 -13.99
CA GLY F 38 -21.44 0.82 -13.14
C GLY F 38 -21.03 0.67 -11.70
N LEU F 39 -21.60 1.48 -10.82
CA LEU F 39 -21.27 1.43 -9.39
C LEU F 39 -22.36 2.05 -8.52
N LYS F 40 -22.72 1.36 -7.44
CA LYS F 40 -23.72 1.90 -6.51
C LYS F 40 -23.83 1.14 -5.21
N MET F 41 -24.05 1.87 -4.12
CA MET F 41 -24.28 1.22 -2.83
C MET F 41 -25.78 0.96 -3.00
N PHE F 42 -26.21 -0.25 -2.67
CA PHE F 42 -27.59 -0.63 -2.93
C PHE F 42 -28.19 -1.50 -1.83
N GLN F 43 -29.49 -1.33 -1.60
CA GLN F 43 -30.24 -2.10 -0.61
C GLN F 43 -31.08 -3.05 -1.47
N CYS F 44 -30.66 -4.31 -1.55
CA CYS F 44 -31.34 -5.29 -2.40
C CYS F 44 -32.76 -5.69 -2.02
N PRO F 45 -33.72 -5.44 -2.93
CA PRO F 45 -35.11 -5.81 -2.65
C PRO F 45 -35.20 -7.33 -2.75
N LYS F 46 -36.04 -7.93 -1.91
CA LYS F 46 -36.17 -9.37 -1.88
C LYS F 46 -36.47 -10.01 -3.25
N GLU F 47 -37.32 -9.38 -4.04
CA GLU F 47 -37.66 -9.91 -5.36
C GLU F 47 -36.42 -10.03 -6.26
N LEU F 48 -35.52 -9.05 -6.16
CA LEU F 48 -34.32 -9.06 -6.98
C LEU F 48 -33.38 -10.16 -6.49
N ALA F 49 -33.22 -10.27 -5.17
CA ALA F 49 -32.36 -11.30 -4.60
C ALA F 49 -32.81 -12.67 -5.10
N GLU F 50 -34.13 -12.87 -5.16
CA GLU F 50 -34.68 -14.14 -5.62
C GLU F 50 -34.28 -14.43 -7.06
N GLU F 51 -34.32 -13.41 -7.92
CA GLU F 51 -33.95 -13.60 -9.32
C GLU F 51 -32.44 -13.82 -9.46
N HIS F 52 -31.66 -13.12 -8.64
CA HIS F 52 -30.21 -13.25 -8.67
C HIS F 52 -29.79 -14.70 -8.40
N TYR F 53 -30.33 -15.26 -7.33
CA TYR F 53 -30.03 -16.64 -6.93
C TYR F 53 -31.00 -17.67 -7.51
N LYS F 54 -31.69 -17.33 -8.58
CA LYS F 54 -32.67 -18.25 -9.17
C LYS F 54 -32.16 -19.66 -9.48
N ASP F 55 -30.90 -19.79 -9.86
CA ASP F 55 -30.34 -21.09 -10.19
C ASP F 55 -30.15 -22.01 -8.98
N LEU F 56 -30.31 -21.46 -7.79
CA LEU F 56 -30.15 -22.23 -6.56
C LEU F 56 -31.47 -22.32 -5.79
N SER F 57 -32.56 -21.98 -6.46
CA SER F 57 -33.88 -21.98 -5.84
C SER F 57 -34.32 -23.33 -5.23
N ALA F 58 -33.76 -24.43 -5.68
CA ALA F 58 -34.14 -25.74 -5.17
C ALA F 58 -33.29 -26.15 -3.96
N LYS F 59 -32.21 -25.41 -3.72
CA LYS F 59 -31.30 -25.70 -2.62
C LYS F 59 -31.95 -25.42 -1.26
N SER F 60 -31.60 -26.24 -0.27
CA SER F 60 -32.14 -26.10 1.07
C SER F 60 -31.68 -24.78 1.70
N PHE F 61 -30.54 -24.29 1.25
CA PHE F 61 -29.98 -23.05 1.79
C PHE F 61 -30.40 -21.81 1.01
N PHE F 62 -31.27 -21.99 0.03
CA PHE F 62 -31.75 -20.87 -0.78
C PHE F 62 -32.32 -19.76 0.10
N PRO F 63 -33.14 -20.10 1.10
CA PRO F 63 -33.70 -19.07 1.97
C PRO F 63 -32.61 -18.23 2.64
N ASN F 64 -31.56 -18.93 3.08
CA ASN F 64 -30.43 -18.27 3.76
C ASN F 64 -29.72 -17.29 2.84
N LEU F 65 -29.56 -17.67 1.58
CA LEU F 65 -28.91 -16.79 0.61
C LEU F 65 -29.69 -15.50 0.48
N ILE F 66 -31.01 -15.61 0.37
CA ILE F 66 -31.88 -14.44 0.22
C ILE F 66 -31.83 -13.54 1.45
N GLU F 67 -31.96 -14.15 2.63
CA GLU F 67 -31.93 -13.40 3.87
C GLU F 67 -30.61 -12.65 4.04
N TYR F 68 -29.49 -13.31 3.77
CA TYR F 68 -28.20 -12.67 3.93
C TYR F 68 -27.94 -11.51 2.98
N ILE F 69 -28.19 -11.73 1.70
CA ILE F 69 -27.97 -10.70 0.68
C ILE F 69 -28.88 -9.48 0.87
N THR F 70 -29.94 -9.66 1.66
CA THR F 70 -30.89 -8.58 1.91
C THR F 70 -30.78 -8.03 3.34
N SER F 71 -29.82 -8.54 4.10
CA SER F 71 -29.65 -8.12 5.49
C SER F 71 -28.91 -6.79 5.69
N GLY F 72 -28.22 -6.33 4.65
CA GLY F 72 -27.49 -5.08 4.75
C GLY F 72 -27.12 -4.58 3.37
N PRO F 73 -26.65 -3.33 3.25
CA PRO F 73 -26.28 -2.76 1.95
C PRO F 73 -25.17 -3.55 1.26
N VAL F 74 -25.20 -3.54 -0.07
CA VAL F 74 -24.17 -4.20 -0.87
C VAL F 74 -23.69 -3.12 -1.84
N VAL F 75 -22.62 -3.42 -2.56
CA VAL F 75 -22.11 -2.48 -3.55
C VAL F 75 -22.11 -3.23 -4.87
N CYS F 76 -22.88 -2.71 -5.82
CA CYS F 76 -23.01 -3.29 -7.14
C CYS F 76 -22.01 -2.65 -8.09
N MET F 77 -21.42 -3.47 -8.95
CA MET F 77 -20.45 -2.96 -9.93
C MET F 77 -20.59 -3.67 -11.26
N ALA F 78 -20.28 -2.95 -12.33
CA ALA F 78 -20.29 -3.50 -13.68
C ALA F 78 -18.93 -3.13 -14.26
N TRP F 79 -18.18 -4.15 -14.67
CA TRP F 79 -16.84 -3.93 -15.24
C TRP F 79 -16.79 -4.46 -16.67
N GLU F 80 -16.05 -3.74 -17.51
CA GLU F 80 -15.91 -4.08 -18.92
C GLU F 80 -14.45 -4.35 -19.32
N GLY F 81 -14.27 -5.25 -20.28
CA GLY F 81 -12.92 -5.55 -20.75
C GLY F 81 -12.87 -6.89 -21.47
N VAL F 82 -11.84 -7.10 -22.27
CA VAL F 82 -11.73 -8.37 -22.97
C VAL F 82 -11.34 -9.43 -21.93
N GLY F 83 -12.15 -10.48 -21.83
CA GLY F 83 -11.89 -11.54 -20.88
C GLY F 83 -12.12 -11.16 -19.42
N VAL F 84 -12.83 -10.07 -19.19
CA VAL F 84 -13.07 -9.61 -17.81
C VAL F 84 -13.82 -10.60 -16.92
N VAL F 85 -14.72 -11.40 -17.50
CA VAL F 85 -15.47 -12.35 -16.71
C VAL F 85 -14.59 -13.38 -16.02
N ALA F 86 -13.80 -14.10 -16.80
CA ALA F 86 -12.92 -15.11 -16.24
C ALA F 86 -11.82 -14.50 -15.38
N SER F 87 -11.34 -13.33 -15.79
CA SER F 87 -10.28 -12.65 -15.05
C SER F 87 -10.77 -12.25 -13.66
N ALA F 88 -11.99 -11.71 -13.57
CA ALA F 88 -12.53 -11.29 -12.29
C ALA F 88 -12.67 -12.50 -11.36
N ARG F 89 -13.14 -13.63 -11.89
CA ARG F 89 -13.29 -14.82 -11.08
C ARG F 89 -11.91 -15.21 -10.54
N LYS F 90 -10.90 -15.11 -11.40
CA LYS F 90 -9.53 -15.45 -11.02
C LYS F 90 -9.01 -14.55 -9.91
N LEU F 91 -9.25 -13.25 -10.05
CA LEU F 91 -8.79 -12.28 -9.04
C LEU F 91 -9.51 -12.48 -7.71
N ILE F 92 -10.76 -12.94 -7.78
CA ILE F 92 -11.55 -13.17 -6.58
C ILE F 92 -11.09 -14.42 -5.83
N GLY F 93 -10.84 -15.51 -6.56
CA GLY F 93 -10.38 -16.73 -5.92
C GLY F 93 -11.45 -17.75 -5.61
N LYS F 94 -11.04 -18.92 -5.16
CA LYS F 94 -11.96 -20.01 -4.83
C LYS F 94 -13.06 -19.62 -3.85
N THR F 95 -14.21 -20.29 -3.97
CA THR F 95 -15.37 -20.04 -3.12
C THR F 95 -15.02 -20.08 -1.63
N ASP F 96 -14.21 -21.05 -1.22
CA ASP F 96 -13.77 -21.19 0.18
C ASP F 96 -12.50 -20.37 0.37
N PRO F 97 -12.58 -19.23 1.08
CA PRO F 97 -11.42 -18.37 1.32
C PRO F 97 -10.19 -19.08 1.89
N LEU F 98 -10.41 -20.17 2.63
CA LEU F 98 -9.30 -20.91 3.20
C LEU F 98 -8.50 -21.61 2.10
N GLN F 99 -9.18 -21.95 1.02
CA GLN F 99 -8.54 -22.63 -0.10
C GLN F 99 -8.10 -21.67 -1.21
N ALA F 100 -8.69 -20.47 -1.23
CA ALA F 100 -8.34 -19.47 -2.22
C ALA F 100 -6.87 -19.11 -2.02
N GLU F 101 -6.15 -18.93 -3.12
CA GLU F 101 -4.73 -18.64 -3.06
C GLU F 101 -4.36 -17.22 -2.65
N PRO F 102 -3.24 -17.06 -1.93
CA PRO F 102 -2.79 -15.74 -1.50
C PRO F 102 -2.63 -14.94 -2.79
N GLY F 103 -3.03 -13.67 -2.76
CA GLY F 103 -2.95 -12.87 -3.96
C GLY F 103 -4.35 -12.57 -4.47
N THR F 104 -5.28 -13.50 -4.22
CA THR F 104 -6.67 -13.30 -4.64
C THR F 104 -7.41 -12.57 -3.52
N ILE F 105 -8.56 -11.99 -3.84
CA ILE F 105 -9.32 -11.26 -2.84
C ILE F 105 -9.71 -12.14 -1.66
N ARG F 106 -10.31 -13.28 -1.93
CA ARG F 106 -10.71 -14.15 -0.84
C ARG F 106 -9.49 -14.82 -0.18
N GLY F 107 -8.44 -15.05 -0.96
CA GLY F 107 -7.25 -15.66 -0.40
C GLY F 107 -6.55 -14.74 0.58
N ASP F 108 -6.59 -13.43 0.31
CA ASP F 108 -5.94 -12.45 1.17
C ASP F 108 -6.82 -11.89 2.28
N LEU F 109 -8.13 -11.77 2.02
CA LEU F 109 -9.02 -11.11 2.96
C LEU F 109 -10.19 -11.83 3.64
N ALA F 110 -10.36 -13.13 3.42
CA ALA F 110 -11.48 -13.81 4.06
C ALA F 110 -11.10 -15.17 4.62
N VAL F 111 -11.95 -15.70 5.50
CA VAL F 111 -11.67 -16.98 6.13
C VAL F 111 -12.80 -18.00 6.07
N GLN F 112 -14.00 -17.58 5.65
CA GLN F 112 -15.12 -18.52 5.61
C GLN F 112 -16.04 -18.33 4.41
N THR F 113 -16.41 -19.44 3.79
CA THR F 113 -17.26 -19.44 2.60
C THR F 113 -18.48 -18.54 2.71
N GLY F 114 -19.19 -18.61 3.84
CA GLY F 114 -20.38 -17.79 4.02
C GLY F 114 -20.09 -16.30 4.08
N ARG F 115 -18.84 -15.96 4.39
CA ARG F 115 -18.44 -14.55 4.46
C ARG F 115 -17.27 -14.36 3.51
N ASN F 116 -17.49 -14.64 2.23
CA ASN F 116 -16.41 -14.51 1.26
C ASN F 116 -16.36 -13.20 0.49
N ILE F 117 -16.88 -12.16 1.11
CA ILE F 117 -16.83 -10.78 0.62
C ILE F 117 -17.37 -10.34 -0.73
N VAL F 118 -17.05 -11.07 -1.79
CA VAL F 118 -17.48 -10.63 -3.11
C VAL F 118 -18.01 -11.72 -4.02
N HIS F 119 -18.75 -11.29 -5.05
CA HIS F 119 -19.32 -12.18 -6.05
C HIS F 119 -18.97 -11.65 -7.44
N GLY F 120 -18.61 -12.57 -8.34
CA GLY F 120 -18.32 -12.19 -9.71
C GLY F 120 -19.14 -13.11 -10.59
N SER F 121 -19.70 -12.60 -11.70
CA SER F 121 -20.50 -13.44 -12.59
C SER F 121 -19.70 -14.68 -13.01
N ASP F 122 -20.36 -15.84 -13.07
CA ASP F 122 -19.64 -17.06 -13.43
C ASP F 122 -19.53 -17.35 -14.93
N SER F 123 -20.12 -16.51 -15.76
CA SER F 123 -20.06 -16.68 -17.20
C SER F 123 -20.42 -15.36 -17.89
N PRO F 124 -20.02 -15.19 -19.15
CA PRO F 124 -20.34 -13.95 -19.84
C PRO F 124 -21.86 -13.79 -19.98
N GLU F 125 -22.56 -14.91 -20.10
CA GLU F 125 -24.02 -14.87 -20.21
C GLU F 125 -24.59 -14.34 -18.91
N ASN F 126 -24.10 -14.85 -17.79
CA ASN F 126 -24.57 -14.41 -16.49
C ASN F 126 -24.09 -13.00 -16.17
N GLY F 127 -22.98 -12.59 -16.78
CA GLY F 127 -22.49 -11.24 -16.54
C GLY F 127 -23.48 -10.25 -17.12
N LYS F 128 -23.95 -10.53 -18.32
CA LYS F 128 -24.91 -9.64 -18.97
C LYS F 128 -26.26 -9.70 -18.25
N ARG F 129 -26.63 -10.90 -17.82
CA ARG F 129 -27.91 -11.10 -17.13
C ARG F 129 -27.93 -10.33 -15.81
N GLU F 130 -26.87 -10.51 -15.02
CA GLU F 130 -26.78 -9.86 -13.71
C GLU F 130 -26.67 -8.34 -13.81
N ILE F 131 -25.96 -7.82 -14.80
CA ILE F 131 -25.86 -6.37 -14.94
C ILE F 131 -27.25 -5.79 -15.24
N GLY F 132 -28.01 -6.49 -16.08
CA GLY F 132 -29.34 -6.00 -16.42
C GLY F 132 -30.30 -6.15 -15.27
N LEU F 133 -30.01 -7.08 -14.36
CA LEU F 133 -30.85 -7.32 -13.20
C LEU F 133 -30.63 -6.33 -12.07
N TRP F 134 -29.36 -6.11 -11.72
CA TRP F 134 -29.05 -5.21 -10.61
C TRP F 134 -29.05 -3.71 -10.91
N PHE F 135 -28.75 -3.33 -12.15
CA PHE F 135 -28.73 -1.91 -12.50
C PHE F 135 -29.97 -1.47 -13.24
N LYS F 136 -30.51 -0.31 -12.84
CA LYS F 136 -31.68 0.25 -13.50
C LYS F 136 -31.23 0.64 -14.91
N GLU F 137 -32.16 0.69 -15.86
CA GLU F 137 -31.78 0.97 -17.24
C GLU F 137 -30.86 2.16 -17.52
N GLY F 138 -30.93 3.20 -16.70
CA GLY F 138 -30.07 4.35 -16.96
C GLY F 138 -28.87 4.49 -16.04
N GLU F 139 -28.54 3.46 -15.29
CA GLU F 139 -27.41 3.55 -14.36
C GLU F 139 -26.01 3.26 -14.89
N LEU F 140 -25.89 2.63 -16.06
CA LEU F 140 -24.57 2.35 -16.60
C LEU F 140 -23.98 3.60 -17.24
N CYS F 141 -22.66 3.75 -17.14
CA CYS F 141 -21.99 4.91 -17.70
C CYS F 141 -20.88 4.49 -18.64
N LYS F 142 -21.03 4.85 -19.91
CA LYS F 142 -20.04 4.51 -20.92
C LYS F 142 -19.04 5.66 -21.04
N TRP F 143 -17.79 5.33 -21.32
CA TRP F 143 -16.75 6.34 -21.47
C TRP F 143 -15.51 5.79 -22.16
N ASP F 144 -14.74 6.68 -22.76
CA ASP F 144 -13.51 6.29 -23.45
C ASP F 144 -12.33 6.53 -22.53
N SER F 145 -11.62 5.46 -22.19
CA SER F 145 -10.48 5.55 -21.29
C SER F 145 -9.25 6.15 -21.97
N ALA F 146 -8.67 7.17 -21.34
CA ALA F 146 -7.49 7.84 -21.87
C ALA F 146 -6.31 6.88 -22.02
N LEU F 147 -6.25 5.87 -21.17
CA LEU F 147 -5.16 4.88 -21.22
C LEU F 147 -5.45 3.65 -22.07
N ALA F 148 -6.60 3.64 -22.73
CA ALA F 148 -6.99 2.50 -23.55
C ALA F 148 -5.87 1.92 -24.43
N THR F 149 -5.21 2.77 -25.20
CA THR F 149 -4.14 2.31 -26.09
C THR F 149 -2.94 1.70 -25.36
N TRP F 150 -2.85 1.94 -24.05
CA TRP F 150 -1.75 1.40 -23.27
C TRP F 150 -2.13 0.14 -22.49
N LEU F 151 -3.41 -0.21 -22.52
CA LEU F 151 -3.86 -1.44 -21.84
C LEU F 151 -4.09 -2.56 -22.85
N ARG F 152 -4.35 -2.21 -24.10
CA ARG F 152 -4.54 -3.23 -25.13
C ARG F 152 -4.23 -2.68 -26.51
N GLU F 153 -3.64 -3.53 -27.35
CA GLU F 153 -3.28 -3.14 -28.71
C GLU F 153 -4.51 -2.65 -29.44
#